data_9KKA
#
_entry.id   9KKA
#
_cell.length_a   122.672
_cell.length_b   72.510
_cell.length_c   103.942
_cell.angle_alpha   90.00
_cell.angle_beta   93.49
_cell.angle_gamma   90.00
#
_symmetry.space_group_name_H-M   'C 1 2 1'
#
loop_
_entity.id
_entity.type
_entity.pdbx_description
1 polymer '2-aminoethylphosphonate--pyruvate transaminase'
2 non-polymer "PYRIDOXAL-5'-PHOSPHATE"
3 non-polymer '(2-aminoethyl)phosphonic acid'
4 non-polymer 'CHLORIDE ION'
5 water water
#
_entity_poly.entity_id   1
_entity_poly.type   'polypeptide(L)'
_entity_poly.pdbx_seq_one_letter_code
;GAMKNEYLLLTPGPLSTSEAVREAMLKDWCTWDDEYNKDIVEVIRTKLVKLATKHSGYTSVLMQGSGTASVEATIGSAIG
KEGKLLVVDNGAYGARIAQIADYLNIPCHAVSPGETSQPHLNEVETALASDPAITHVAIVHCETTTGMLNPIEAFASAAK
AHGKVVILDAMSSFGGIPIDIAELGIDFMISSANMCIQGVPGFGFVIAKKTELEKCQGQARSLSLDLYDQWHCMEVNHGK
WRFTSPTHTVRAFYQALLELEQEGGIEARHNRYQTNQKTLVAGMRSLGFEPLLSDDLHSPIITSFYSPTHSDYQFKAFYT
RLKEQGFVIYPGKVSNADCFRIGNIGEVYPADIERLIGAIEKAMYWQVA
;
_entity_poly.pdbx_strand_id   A,B
#
# COMPACT_ATOMS: atom_id res chain seq x y z
N ASN A 5 -23.89 -1.63 -4.30
CA ASN A 5 -23.85 -2.89 -5.04
C ASN A 5 -24.68 -2.87 -6.34
N GLU A 6 -24.31 -2.01 -7.29
CA GLU A 6 -24.98 -1.94 -8.59
C GLU A 6 -24.49 -3.13 -9.44
N TYR A 7 -23.25 -3.57 -9.21
CA TYR A 7 -22.65 -4.63 -10.02
C TYR A 7 -22.11 -5.78 -9.23
N LEU A 8 -22.15 -6.95 -9.83
CA LEU A 8 -21.47 -8.11 -9.31
C LEU A 8 -20.17 -8.14 -10.09
N LEU A 9 -19.03 -8.08 -9.40
CA LEU A 9 -17.73 -8.02 -10.06
C LEU A 9 -17.19 -9.41 -10.24
N LEU A 10 -17.18 -9.89 -11.49
CA LEU A 10 -16.68 -11.22 -11.84
C LEU A 10 -15.23 -11.09 -12.26
N THR A 11 -14.48 -10.53 -11.34
CA THR A 11 -13.06 -10.23 -11.49
C THR A 11 -12.29 -11.17 -10.54
N PRO A 12 -10.96 -11.23 -10.68
CA PRO A 12 -10.16 -12.02 -9.74
C PRO A 12 -9.91 -11.31 -8.39
N GLY A 13 -10.29 -10.04 -8.27
CA GLY A 13 -10.01 -9.27 -7.06
C GLY A 13 -9.24 -8.02 -7.45
N PRO A 14 -9.61 -6.81 -6.99
CA PRO A 14 -10.72 -6.41 -6.11
C PRO A 14 -12.04 -6.91 -6.65
N LEU A 15 -12.87 -7.44 -5.77
CA LEU A 15 -14.09 -8.09 -6.17
C LEU A 15 -15.29 -7.62 -5.40
N SER A 16 -16.45 -8.33 -5.46
CA SER A 16 -17.61 -7.94 -4.65
C SER A 16 -17.43 -8.55 -3.27
N THR A 17 -17.33 -7.68 -2.27
CA THR A 17 -17.12 -8.07 -0.86
C THR A 17 -18.44 -8.12 -0.15
N SER A 18 -18.47 -8.83 0.99
CA SER A 18 -19.73 -8.89 1.74
C SER A 18 -20.00 -7.51 2.41
N GLU A 19 -21.24 -7.29 2.81
CA GLU A 19 -21.61 -6.05 3.49
C GLU A 19 -20.82 -5.91 4.81
N ALA A 20 -20.61 -7.02 5.55
CA ALA A 20 -19.89 -6.95 6.83
C ALA A 20 -18.41 -6.65 6.65
N VAL A 21 -17.81 -7.10 5.55
CA VAL A 21 -16.39 -6.81 5.29
C VAL A 21 -16.23 -5.31 5.05
N ARG A 22 -17.11 -4.72 4.24
CA ARG A 22 -17.10 -3.28 4.01
C ARG A 22 -17.50 -2.48 5.27
N GLU A 23 -18.53 -2.93 6.01
CA GLU A 23 -18.96 -2.23 7.25
C GLU A 23 -17.84 -2.18 8.28
N ALA A 24 -16.96 -3.20 8.27
CA ALA A 24 -15.81 -3.26 9.22
C ALA A 24 -14.87 -2.06 9.04
N MET A 25 -14.96 -1.38 7.90
CA MET A 25 -14.11 -0.22 7.58
C MET A 25 -14.62 1.08 8.18
N LEU A 26 -15.79 1.06 8.83
CA LEU A 26 -16.38 2.27 9.36
C LEU A 26 -15.79 2.72 10.70
N LYS A 27 -14.66 2.16 11.12
CA LYS A 27 -13.99 2.52 12.35
C LYS A 27 -12.59 3.02 12.07
N ASP A 28 -12.13 4.07 12.79
CA ASP A 28 -10.76 4.56 12.66
C ASP A 28 -9.92 3.87 13.70
N TRP A 29 -8.64 3.72 13.44
CA TRP A 29 -7.69 3.05 14.34
C TRP A 29 -6.45 3.87 14.48
N CYS A 30 -5.83 3.78 15.65
CA CYS A 30 -4.56 4.43 15.86
C CYS A 30 -3.48 3.37 15.61
N THR A 31 -2.52 3.67 14.74
CA THR A 31 -1.45 2.73 14.35
C THR A 31 -0.45 2.41 15.46
N TRP A 32 -0.47 3.20 16.56
CA TRP A 32 0.41 3.00 17.72
C TRP A 32 -0.36 2.43 18.89
N ASP A 33 -1.62 2.00 18.68
CA ASP A 33 -2.44 1.52 19.80
C ASP A 33 -2.63 -0.01 19.73
N ASP A 34 -2.56 -0.68 20.88
CA ASP A 34 -2.67 -2.14 21.04
C ASP A 34 -3.98 -2.67 20.57
N GLU A 35 -5.06 -1.86 20.61
CA GLU A 35 -6.36 -2.33 20.13
C GLU A 35 -6.32 -2.63 18.63
N TYR A 36 -5.41 -1.98 17.92
CA TYR A 36 -5.24 -2.28 16.52
C TYR A 36 -4.14 -3.34 16.39
N ASN A 37 -2.96 -3.08 16.94
CA ASN A 37 -1.82 -3.98 16.73
C ASN A 37 -2.00 -5.36 17.33
N LYS A 38 -2.40 -5.41 18.59
CA LYS A 38 -2.56 -6.72 19.23
C LYS A 38 -3.89 -7.35 18.87
N ASP A 39 -4.98 -6.60 18.96
CA ASP A 39 -6.30 -7.19 18.78
C ASP A 39 -6.68 -7.46 17.34
N ILE A 40 -6.13 -6.70 16.39
CA ILE A 40 -6.48 -6.91 14.99
C ILE A 40 -5.32 -7.52 14.25
N VAL A 41 -4.17 -6.81 14.21
CA VAL A 41 -3.01 -7.28 13.40
C VAL A 41 -2.50 -8.66 13.83
N GLU A 42 -2.20 -8.85 15.13
CA GLU A 42 -1.64 -10.13 15.60
C GLU A 42 -2.58 -11.30 15.41
N VAL A 43 -3.89 -11.03 15.45
CA VAL A 43 -4.91 -12.08 15.20
C VAL A 43 -4.86 -12.50 13.71
N ILE A 44 -4.83 -11.54 12.78
CA ILE A 44 -4.70 -11.82 11.35
C ILE A 44 -3.43 -12.66 11.11
N ARG A 45 -2.31 -12.24 11.70
CA ARG A 45 -1.06 -12.98 11.53
C ARG A 45 -1.18 -14.43 11.97
N THR A 46 -1.78 -14.65 13.16
CA THR A 46 -1.94 -16.00 13.71
C THR A 46 -2.84 -16.84 12.80
N LYS A 47 -4.00 -16.27 12.39
CA LYS A 47 -4.95 -16.94 11.52
C LYS A 47 -4.38 -17.28 10.15
N LEU A 48 -3.60 -16.35 9.56
CA LEU A 48 -3.01 -16.60 8.24
C LEU A 48 -2.07 -17.77 8.26
N VAL A 49 -1.24 -17.91 9.32
CA VAL A 49 -0.31 -19.05 9.36
C VAL A 49 -1.09 -20.35 9.45
N LYS A 50 -2.12 -20.40 10.31
CA LYS A 50 -2.94 -21.63 10.46
C LYS A 50 -3.71 -21.93 9.19
N LEU A 51 -4.09 -20.91 8.42
CA LEU A 51 -4.74 -21.17 7.13
C LEU A 51 -3.78 -21.80 6.13
N ALA A 52 -2.49 -21.40 6.16
CA ALA A 52 -1.49 -21.86 5.20
C ALA A 52 -0.93 -23.22 5.52
N THR A 53 -0.92 -23.58 6.79
CA THR A 53 -0.35 -24.85 7.21
C THR A 53 -0.88 -25.29 8.55
N LYS A 54 -0.91 -26.61 8.76
CA LYS A 54 -1.28 -27.19 10.05
C LYS A 54 0.02 -27.51 10.82
N HIS A 55 1.19 -27.24 10.19
CA HIS A 55 2.48 -27.54 10.82
C HIS A 55 3.13 -26.30 11.46
N SER A 56 4.18 -26.53 12.23
CA SER A 56 4.90 -25.48 12.93
C SER A 56 6.04 -24.96 12.02
N GLY A 57 6.72 -23.90 12.47
CA GLY A 57 7.89 -23.36 11.78
C GLY A 57 7.61 -22.26 10.78
N TYR A 58 6.35 -21.84 10.66
CA TYR A 58 6.00 -20.78 9.72
C TYR A 58 5.54 -19.52 10.45
N THR A 59 5.57 -18.39 9.76
CA THR A 59 5.23 -17.09 10.31
C THR A 59 4.68 -16.22 9.19
N SER A 60 4.06 -15.09 9.53
CA SER A 60 3.55 -14.21 8.48
C SER A 60 4.06 -12.80 8.65
N VAL A 61 4.07 -12.08 7.54
CA VAL A 61 4.44 -10.66 7.46
C VAL A 61 3.36 -10.04 6.65
N LEU A 62 2.92 -8.86 7.01
CA LEU A 62 1.94 -8.12 6.22
C LEU A 62 2.71 -6.96 5.59
N MET A 63 2.35 -6.60 4.35
CA MET A 63 3.08 -5.56 3.65
C MET A 63 2.11 -4.65 2.95
N GLN A 64 2.21 -3.35 3.19
CA GLN A 64 1.37 -2.33 2.54
C GLN A 64 1.61 -2.36 1.05
N GLY A 65 0.58 -2.02 0.30
CA GLY A 65 0.67 -1.90 -1.16
C GLY A 65 -0.03 -3.00 -1.89
N SER A 66 0.25 -3.10 -3.18
CA SER A 66 -0.38 -4.12 -4.02
C SER A 66 0.26 -5.45 -3.71
N GLY A 67 -0.35 -6.55 -4.13
CA GLY A 67 0.29 -7.87 -3.96
C GLY A 67 1.66 -7.93 -4.63
N THR A 68 1.87 -7.15 -5.72
CA THR A 68 3.15 -7.07 -6.42
C THR A 68 4.25 -6.58 -5.47
N ALA A 69 3.92 -5.62 -4.58
CA ALA A 69 4.88 -5.11 -3.59
C ALA A 69 5.33 -6.23 -2.67
N SER A 70 4.43 -7.17 -2.33
CA SER A 70 4.76 -8.33 -1.50
C SER A 70 5.63 -9.33 -2.25
N VAL A 71 5.33 -9.60 -3.53
CA VAL A 71 6.18 -10.47 -4.37
C VAL A 71 7.60 -9.84 -4.44
N GLU A 72 7.66 -8.53 -4.74
CA GLU A 72 8.91 -7.78 -4.86
C GLU A 72 9.66 -7.74 -3.51
N ALA A 73 8.91 -7.60 -2.40
CA ALA A 73 9.52 -7.59 -1.05
C ALA A 73 10.16 -8.96 -0.85
N THR A 74 9.50 -10.03 -1.29
CA THR A 74 10.04 -11.38 -1.11
C THR A 74 11.29 -11.59 -1.94
N ILE A 75 11.23 -11.31 -3.25
CA ILE A 75 12.37 -11.49 -4.15
C ILE A 75 13.54 -10.64 -3.70
N GLY A 76 13.28 -9.36 -3.47
CA GLY A 76 14.34 -8.42 -3.09
C GLY A 76 14.94 -8.63 -1.71
N SER A 77 14.20 -9.29 -0.80
CA SER A 77 14.69 -9.56 0.57
C SER A 77 15.28 -10.94 0.71
N ALA A 78 14.67 -11.94 0.05
CA ALA A 78 15.17 -13.30 0.18
C ALA A 78 16.44 -13.58 -0.61
N ILE A 79 16.61 -12.94 -1.77
CA ILE A 79 17.72 -13.31 -2.62
C ILE A 79 18.95 -12.51 -2.31
N GLY A 80 20.03 -13.21 -1.97
CA GLY A 80 21.30 -12.56 -1.63
C GLY A 80 21.95 -11.88 -2.83
N LYS A 81 23.15 -11.28 -2.60
CA LYS A 81 23.91 -10.59 -3.63
C LYS A 81 24.33 -11.54 -4.75
N GLU A 82 24.56 -12.82 -4.43
CA GLU A 82 25.04 -13.80 -5.40
C GLU A 82 23.98 -14.79 -5.82
N GLY A 83 22.73 -14.51 -5.45
CA GLY A 83 21.60 -15.38 -5.77
C GLY A 83 21.16 -15.32 -7.22
N LYS A 84 20.46 -16.37 -7.62
CA LYS A 84 19.95 -16.48 -8.98
C LYS A 84 18.58 -17.13 -8.92
N LEU A 85 17.63 -16.56 -9.66
CA LEU A 85 16.26 -17.07 -9.67
C LEU A 85 15.92 -17.89 -10.90
N LEU A 86 15.19 -18.99 -10.71
CA LEU A 86 14.59 -19.72 -11.79
C LEU A 86 13.07 -19.45 -11.62
N VAL A 87 12.42 -18.92 -12.64
CA VAL A 87 10.98 -18.62 -12.59
C VAL A 87 10.27 -19.33 -13.73
N VAL A 88 9.07 -19.83 -13.49
CA VAL A 88 8.25 -20.40 -14.55
C VAL A 88 7.43 -19.20 -15.01
N ASP A 89 7.57 -18.83 -16.25
CA ASP A 89 6.76 -17.78 -16.83
C ASP A 89 5.70 -18.39 -17.78
N ASN A 90 4.45 -18.50 -17.29
CA ASN A 90 3.39 -19.03 -18.15
C ASN A 90 2.19 -18.13 -17.98
N GLY A 91 2.47 -16.84 -17.91
CA GLY A 91 1.49 -15.79 -17.78
C GLY A 91 2.12 -14.48 -17.34
N ALA A 92 1.30 -13.47 -17.19
CA ALA A 92 1.76 -12.13 -16.81
C ALA A 92 2.46 -12.06 -15.42
N TYR A 93 2.11 -12.97 -14.50
CA TYR A 93 2.61 -12.92 -13.11
C TYR A 93 3.95 -13.61 -12.97
N GLY A 94 4.20 -14.63 -13.80
CA GLY A 94 5.51 -15.22 -13.90
C GLY A 94 6.41 -14.25 -14.62
N ALA A 95 5.90 -13.59 -15.67
CA ALA A 95 6.67 -12.56 -16.40
C ALA A 95 7.02 -11.38 -15.45
N ARG A 96 6.08 -10.98 -14.60
CA ARG A 96 6.29 -9.88 -13.66
C ARG A 96 7.36 -10.25 -12.63
N ILE A 97 7.44 -11.54 -12.24
CA ILE A 97 8.48 -11.98 -11.31
C ILE A 97 9.86 -11.81 -11.97
N ALA A 98 9.94 -12.18 -13.27
CA ALA A 98 11.18 -12.03 -14.02
C ALA A 98 11.51 -10.53 -14.15
N GLN A 99 10.49 -9.68 -14.34
CA GLN A 99 10.67 -8.23 -14.48
C GLN A 99 11.19 -7.62 -13.17
N ILE A 100 10.65 -8.10 -12.02
CA ILE A 100 11.13 -7.65 -10.71
C ILE A 100 12.60 -8.02 -10.58
N ALA A 101 12.96 -9.28 -10.89
CA ALA A 101 14.36 -9.71 -10.80
C ALA A 101 15.26 -8.79 -11.67
N ASP A 102 14.80 -8.42 -12.90
CA ASP A 102 15.52 -7.52 -13.78
C ASP A 102 15.74 -6.15 -13.14
N TYR A 103 14.68 -5.55 -12.57
CA TYR A 103 14.77 -4.26 -11.86
C TYR A 103 15.77 -4.31 -10.72
N LEU A 104 15.84 -5.45 -10.02
CA LEU A 104 16.69 -5.64 -8.85
C LEU A 104 18.02 -6.21 -9.15
N ASN A 105 18.38 -6.28 -10.44
CA ASN A 105 19.63 -6.83 -10.95
C ASN A 105 19.91 -8.23 -10.40
N ILE A 106 18.87 -9.05 -10.34
CA ILE A 106 19.02 -10.43 -9.89
C ILE A 106 19.04 -11.33 -11.13
N PRO A 107 20.12 -12.10 -11.37
CA PRO A 107 20.12 -13.06 -12.49
C PRO A 107 18.86 -13.95 -12.43
N CYS A 108 18.19 -14.13 -13.58
CA CYS A 108 16.90 -14.83 -13.61
C CYS A 108 16.82 -15.67 -14.87
N HIS A 109 16.56 -16.97 -14.69
CA HIS A 109 16.37 -17.87 -15.81
C HIS A 109 14.87 -18.18 -15.85
N ALA A 110 14.18 -17.75 -16.92
CA ALA A 110 12.75 -18.04 -17.05
C ALA A 110 12.46 -19.27 -17.89
N VAL A 111 11.55 -20.13 -17.42
CA VAL A 111 11.09 -21.32 -18.14
C VAL A 111 9.78 -20.83 -18.70
N SER A 112 9.69 -20.62 -20.05
CA SER A 112 8.50 -20.06 -20.69
C SER A 112 7.83 -21.08 -21.63
N PRO A 113 6.95 -21.93 -21.11
CA PRO A 113 6.32 -22.94 -21.99
C PRO A 113 5.17 -22.43 -22.84
N GLY A 114 4.77 -21.19 -22.64
CA GLY A 114 3.60 -20.61 -23.31
C GLY A 114 2.52 -20.33 -22.29
N GLU A 115 1.65 -19.36 -22.53
CA GLU A 115 0.67 -19.00 -21.51
C GLU A 115 -0.49 -19.98 -21.37
N THR A 116 -0.65 -20.95 -22.26
CA THR A 116 -1.74 -21.93 -22.12
C THR A 116 -1.17 -23.31 -21.84
N SER A 117 0.11 -23.36 -21.44
CA SER A 117 0.78 -24.60 -21.14
C SER A 117 1.24 -24.60 -19.69
N GLN A 118 1.27 -25.79 -19.10
CA GLN A 118 1.81 -25.98 -17.76
C GLN A 118 3.31 -26.15 -17.93
N PRO A 119 4.18 -25.65 -17.04
CA PRO A 119 5.63 -25.85 -17.27
C PRO A 119 6.01 -27.31 -17.38
N HIS A 120 6.97 -27.65 -18.26
CA HIS A 120 7.38 -29.05 -18.32
C HIS A 120 8.38 -29.29 -17.22
N LEU A 121 8.09 -30.26 -16.35
CA LEU A 121 8.98 -30.60 -15.25
C LEU A 121 10.38 -30.99 -15.74
N ASN A 122 10.51 -31.64 -16.93
CA ASN A 122 11.82 -31.98 -17.50
C ASN A 122 12.67 -30.75 -17.76
N GLU A 123 12.08 -29.66 -18.27
CA GLU A 123 12.80 -28.43 -18.56
C GLU A 123 13.30 -27.79 -17.26
N VAL A 124 12.40 -27.76 -16.25
CA VAL A 124 12.69 -27.22 -14.91
C VAL A 124 13.85 -28.00 -14.32
N GLU A 125 13.72 -29.34 -14.27
CA GLU A 125 14.69 -30.33 -13.78
C GLU A 125 16.05 -30.16 -14.43
N THR A 126 16.05 -29.98 -15.76
CA THR A 126 17.25 -29.81 -16.56
C THR A 126 17.89 -28.46 -16.25
N ALA A 127 17.08 -27.40 -16.16
CA ALA A 127 17.57 -26.07 -15.83
C ALA A 127 18.19 -26.08 -14.43
N LEU A 128 17.55 -26.74 -13.47
CA LEU A 128 18.12 -26.86 -12.13
C LEU A 128 19.44 -27.62 -12.17
N ALA A 129 19.43 -28.86 -12.69
CA ALA A 129 20.63 -29.71 -12.77
C ALA A 129 21.83 -29.05 -13.45
N SER A 130 21.62 -28.35 -14.57
CA SER A 130 22.70 -27.76 -15.37
C SER A 130 23.20 -26.39 -14.89
N ASP A 131 22.49 -25.76 -13.96
CA ASP A 131 22.89 -24.45 -13.46
C ASP A 131 22.96 -24.44 -11.93
N PRO A 132 24.11 -24.83 -11.32
CA PRO A 132 24.21 -24.83 -9.85
C PRO A 132 24.14 -23.45 -9.18
N ALA A 133 24.26 -22.34 -9.95
CA ALA A 133 24.16 -20.95 -9.46
C ALA A 133 22.73 -20.57 -9.02
N ILE A 134 21.70 -21.29 -9.49
CA ILE A 134 20.30 -21.01 -9.08
C ILE A 134 20.24 -21.20 -7.57
N THR A 135 19.62 -20.27 -6.83
CA THR A 135 19.49 -20.42 -5.39
C THR A 135 18.01 -20.47 -5.07
N HIS A 136 17.21 -19.87 -5.94
CA HIS A 136 15.76 -19.69 -5.73
C HIS A 136 14.94 -20.09 -6.91
N VAL A 137 13.70 -20.57 -6.65
CA VAL A 137 12.74 -20.86 -7.71
C VAL A 137 11.43 -20.16 -7.38
N ALA A 138 10.72 -19.72 -8.41
CA ALA A 138 9.43 -19.05 -8.23
C ALA A 138 8.42 -19.63 -9.18
N ILE A 139 7.17 -19.79 -8.72
CA ILE A 139 6.08 -20.25 -9.59
C ILE A 139 4.78 -19.58 -9.12
N VAL A 140 3.86 -19.40 -10.04
CA VAL A 140 2.56 -18.84 -9.76
C VAL A 140 1.62 -20.04 -9.61
N HIS A 141 0.81 -20.05 -8.53
CA HIS A 141 -0.09 -21.16 -8.28
C HIS A 141 -1.26 -21.12 -9.25
N CYS A 142 -2.07 -20.07 -9.16
CA CYS A 142 -3.17 -19.90 -10.10
C CYS A 142 -2.71 -18.79 -11.02
N GLU A 143 -2.47 -19.13 -12.29
CA GLU A 143 -2.01 -18.14 -13.23
C GLU A 143 -3.24 -17.40 -13.73
N THR A 144 -3.62 -16.36 -12.98
CA THR A 144 -4.83 -15.55 -13.21
C THR A 144 -4.95 -15.07 -14.69
N THR A 145 -3.81 -14.94 -15.38
CA THR A 145 -3.76 -14.55 -16.83
C THR A 145 -4.80 -15.34 -17.63
N THR A 146 -4.83 -16.67 -17.42
CA THR A 146 -5.72 -17.56 -18.14
C THR A 146 -6.66 -18.25 -17.19
N GLY A 147 -6.31 -18.25 -15.92
CA GLY A 147 -7.03 -19.02 -14.92
C GLY A 147 -6.44 -20.41 -14.80
N MET A 148 -5.23 -20.61 -15.31
CA MET A 148 -4.55 -21.89 -15.26
C MET A 148 -4.14 -22.28 -13.83
N LEU A 149 -4.32 -23.57 -13.45
CA LEU A 149 -3.85 -24.03 -12.16
C LEU A 149 -2.51 -24.76 -12.40
N ASN A 150 -1.38 -24.14 -12.01
CA ASN A 150 -0.02 -24.69 -12.18
C ASN A 150 0.30 -25.89 -11.26
N PRO A 151 1.20 -26.81 -11.70
CA PRO A 151 1.54 -27.97 -10.86
C PRO A 151 2.66 -27.65 -9.89
N ILE A 152 2.28 -27.00 -8.82
CA ILE A 152 3.23 -26.51 -7.83
C ILE A 152 3.88 -27.62 -6.98
N GLU A 153 3.17 -28.72 -6.69
CA GLU A 153 3.75 -29.77 -5.84
C GLU A 153 5.04 -30.38 -6.42
N ALA A 154 4.98 -30.85 -7.68
CA ALA A 154 6.14 -31.45 -8.36
C ALA A 154 7.23 -30.42 -8.56
N PHE A 155 6.85 -29.18 -8.89
CA PHE A 155 7.82 -28.10 -9.09
C PHE A 155 8.61 -27.81 -7.79
N ALA A 156 7.90 -27.61 -6.68
CA ALA A 156 8.49 -27.32 -5.38
C ALA A 156 9.34 -28.49 -4.93
N SER A 157 8.83 -29.71 -5.14
CA SER A 157 9.53 -30.95 -4.77
C SER A 157 10.89 -31.06 -5.50
N ALA A 158 10.91 -30.77 -6.82
CA ALA A 158 12.14 -30.78 -7.65
C ALA A 158 13.13 -29.72 -7.16
N ALA A 159 12.64 -28.50 -6.86
CA ALA A 159 13.46 -27.42 -6.36
C ALA A 159 14.07 -27.77 -5.00
N LYS A 160 13.27 -28.37 -4.08
CA LYS A 160 13.72 -28.79 -2.75
C LYS A 160 14.77 -29.89 -2.82
N ALA A 161 14.60 -30.83 -3.77
CA ALA A 161 15.57 -31.90 -3.99
C ALA A 161 16.91 -31.29 -4.45
N HIS A 162 16.86 -30.16 -5.15
CA HIS A 162 18.04 -29.45 -5.62
C HIS A 162 18.56 -28.40 -4.62
N GLY A 163 17.96 -28.35 -3.42
CA GLY A 163 18.40 -27.45 -2.34
C GLY A 163 18.09 -25.99 -2.60
N LYS A 164 16.98 -25.70 -3.31
CA LYS A 164 16.64 -24.31 -3.62
C LYS A 164 15.58 -23.80 -2.69
N VAL A 165 15.47 -22.48 -2.60
CA VAL A 165 14.45 -21.82 -1.82
C VAL A 165 13.24 -21.65 -2.75
N VAL A 166 12.04 -22.06 -2.29
CA VAL A 166 10.83 -22.03 -3.10
C VAL A 166 9.95 -20.85 -2.73
N ILE A 167 9.65 -20.02 -3.73
CA ILE A 167 8.77 -18.88 -3.62
C ILE A 167 7.50 -19.23 -4.42
N LEU A 168 6.34 -19.07 -3.77
CA LEU A 168 5.04 -19.31 -4.42
C LEU A 168 4.21 -18.05 -4.49
N ASP A 169 3.83 -17.63 -5.71
CA ASP A 169 2.90 -16.52 -5.85
C ASP A 169 1.51 -17.18 -5.81
N ALA A 170 0.83 -17.10 -4.65
CA ALA A 170 -0.50 -17.73 -4.49
C ALA A 170 -1.51 -16.60 -4.38
N MET A 171 -1.25 -15.51 -5.11
CA MET A 171 -2.11 -14.33 -5.01
C MET A 171 -3.55 -14.69 -5.17
N SER A 172 -3.87 -15.49 -6.23
CA SER A 172 -5.27 -15.81 -6.56
C SER A 172 -5.72 -17.18 -6.14
N SER A 173 -4.91 -17.90 -5.36
CA SER A 173 -5.29 -19.24 -4.94
C SER A 173 -5.45 -19.38 -3.43
N PHE A 174 -4.56 -18.77 -2.65
CA PHE A 174 -4.58 -18.88 -1.20
C PHE A 174 -5.94 -18.45 -0.63
N GLY A 175 -6.56 -19.37 0.09
CA GLY A 175 -7.88 -19.13 0.66
C GLY A 175 -9.01 -19.69 -0.14
N GLY A 176 -8.72 -20.07 -1.38
CA GLY A 176 -9.74 -20.64 -2.26
C GLY A 176 -9.38 -22.01 -2.74
N ILE A 177 -8.09 -22.39 -2.63
CA ILE A 177 -7.61 -23.72 -3.06
C ILE A 177 -6.84 -24.32 -1.89
N PRO A 178 -7.23 -25.51 -1.39
CA PRO A 178 -6.52 -26.09 -0.24
C PRO A 178 -5.05 -26.32 -0.55
N ILE A 179 -4.19 -25.84 0.34
CA ILE A 179 -2.74 -26.02 0.28
C ILE A 179 -2.15 -26.03 1.65
N ASP A 180 -1.14 -26.88 1.85
CA ASP A 180 -0.43 -26.86 3.11
C ASP A 180 0.99 -26.58 2.65
N ILE A 181 1.43 -25.34 2.85
CA ILE A 181 2.71 -24.86 2.32
C ILE A 181 3.91 -25.55 2.96
N ALA A 182 3.76 -26.08 4.19
CA ALA A 182 4.85 -26.81 4.85
C ALA A 182 5.03 -28.16 4.16
N GLU A 183 3.90 -28.85 3.84
CA GLU A 183 3.92 -30.16 3.19
C GLU A 183 4.45 -30.03 1.77
N LEU A 184 4.12 -28.90 1.10
CA LEU A 184 4.59 -28.62 -0.27
C LEU A 184 6.05 -28.16 -0.33
N GLY A 185 6.61 -27.77 0.81
CA GLY A 185 7.98 -27.30 0.87
C GLY A 185 8.14 -25.89 0.35
N ILE A 186 7.12 -25.07 0.53
CA ILE A 186 7.16 -23.66 0.11
C ILE A 186 7.87 -22.89 1.21
N ASP A 187 8.89 -22.11 0.84
CA ASP A 187 9.61 -21.28 1.78
C ASP A 187 8.94 -19.93 1.97
N PHE A 188 8.39 -19.36 0.90
CA PHE A 188 7.72 -18.06 0.96
C PHE A 188 6.50 -18.15 0.08
N MET A 189 5.32 -17.88 0.64
CA MET A 189 4.06 -17.90 -0.10
C MET A 189 3.51 -16.50 0.00
N ILE A 190 3.28 -15.86 -1.15
CA ILE A 190 2.72 -14.52 -1.17
C ILE A 190 1.27 -14.66 -1.55
N SER A 191 0.41 -13.86 -0.93
CA SER A 191 -0.97 -13.78 -1.32
C SER A 191 -1.52 -12.39 -1.00
N SER A 192 -2.77 -12.16 -1.35
CA SER A 192 -3.29 -10.82 -1.21
C SER A 192 -4.53 -10.74 -0.34
N ALA A 193 -4.88 -9.53 0.06
CA ALA A 193 -6.01 -9.30 0.95
C ALA A 193 -7.33 -9.45 0.20
N ASN A 194 -7.31 -9.27 -1.12
CA ASN A 194 -8.54 -9.08 -1.86
C ASN A 194 -8.86 -10.10 -2.92
N MET A 195 -8.44 -11.36 -2.76
CA MET A 195 -8.82 -12.33 -3.79
C MET A 195 -9.64 -13.42 -3.10
N CYS A 196 -9.14 -14.63 -2.91
CA CYS A 196 -9.98 -15.69 -2.31
C CYS A 196 -10.34 -15.46 -0.86
N ILE A 197 -9.55 -14.64 -0.15
CA ILE A 197 -9.89 -14.35 1.25
C ILE A 197 -11.12 -13.40 1.27
N GLN A 198 -11.30 -12.63 0.19
CA GLN A 198 -12.46 -11.75 0.00
C GLN A 198 -12.42 -10.51 0.89
N GLY A 199 -11.23 -10.03 1.16
CA GLY A 199 -11.10 -8.74 1.83
C GLY A 199 -11.03 -7.67 0.75
N VAL A 200 -10.65 -6.47 1.16
CA VAL A 200 -10.50 -5.35 0.28
C VAL A 200 -9.01 -5.10 0.00
N PRO A 201 -8.63 -4.48 -1.13
CA PRO A 201 -7.19 -4.24 -1.38
C PRO A 201 -6.58 -3.23 -0.39
N GLY A 202 -5.26 -3.28 -0.24
CA GLY A 202 -4.56 -2.32 0.61
C GLY A 202 -3.21 -2.86 1.04
N PHE A 203 -3.13 -4.19 1.19
CA PHE A 203 -1.88 -4.81 1.63
C PHE A 203 -1.84 -6.22 1.11
N GLY A 204 -0.66 -6.79 1.09
CA GLY A 204 -0.47 -8.19 0.76
C GLY A 204 0.24 -8.83 1.94
N PHE A 205 0.54 -10.10 1.83
CA PHE A 205 1.23 -10.75 2.92
C PHE A 205 2.05 -11.89 2.42
N VAL A 206 3.03 -12.27 3.22
CA VAL A 206 3.93 -13.38 2.93
C VAL A 206 3.88 -14.32 4.12
N ILE A 207 3.67 -15.62 3.85
CA ILE A 207 3.70 -16.67 4.88
C ILE A 207 4.96 -17.43 4.55
N ALA A 208 5.92 -17.38 5.48
CA ALA A 208 7.24 -17.93 5.25
C ALA A 208 7.67 -18.89 6.31
N LYS A 209 8.59 -19.77 5.92
CA LYS A 209 9.24 -20.68 6.85
C LYS A 209 10.16 -19.78 7.66
N LYS A 210 9.98 -19.74 8.99
CA LYS A 210 10.71 -18.83 9.87
C LYS A 210 12.22 -18.84 9.65
N THR A 211 12.84 -20.03 9.52
CA THR A 211 14.29 -20.14 9.30
C THR A 211 14.71 -19.53 7.97
N GLU A 212 13.81 -19.53 6.97
CA GLU A 212 14.11 -18.95 5.68
C GLU A 212 13.93 -17.43 5.76
N LEU A 213 12.88 -16.98 6.41
CA LEU A 213 12.65 -15.53 6.58
C LEU A 213 13.81 -14.89 7.35
N GLU A 214 14.35 -15.59 8.34
CA GLU A 214 15.50 -15.10 9.12
C GLU A 214 16.74 -14.76 8.25
N LYS A 215 16.92 -15.48 7.15
CA LYS A 215 18.05 -15.27 6.24
C LYS A 215 17.92 -13.95 5.49
N CYS A 216 16.70 -13.39 5.48
CA CYS A 216 16.42 -12.13 4.77
C CYS A 216 16.99 -10.94 5.47
N GLN A 217 17.33 -11.06 6.77
CA GLN A 217 17.85 -9.93 7.53
C GLN A 217 19.03 -9.26 6.83
N GLY A 218 18.95 -7.95 6.62
CA GLY A 218 20.05 -7.19 6.04
C GLY A 218 20.26 -7.32 4.56
N GLN A 219 19.44 -8.12 3.86
CA GLN A 219 19.60 -8.36 2.41
C GLN A 219 18.68 -7.51 1.56
N ALA A 220 17.74 -6.79 2.17
CA ALA A 220 16.73 -6.09 1.41
C ALA A 220 17.27 -5.07 0.46
N ARG A 221 16.55 -4.84 -0.63
CA ARG A 221 16.95 -3.86 -1.66
C ARG A 221 16.09 -2.62 -1.58
N SER A 222 15.10 -2.65 -0.69
CA SER A 222 14.17 -1.56 -0.44
C SER A 222 13.89 -1.43 1.05
N LEU A 223 13.75 -0.19 1.55
CA LEU A 223 13.38 0.00 2.95
C LEU A 223 11.90 -0.36 3.12
N SER A 224 11.01 0.22 2.30
CA SER A 224 9.57 -0.07 2.36
C SER A 224 9.28 -1.56 2.25
N LEU A 225 10.06 -2.26 1.40
CA LEU A 225 9.85 -3.67 1.09
C LEU A 225 10.87 -4.58 1.74
N ASP A 226 11.43 -4.15 2.88
CA ASP A 226 12.38 -4.96 3.63
C ASP A 226 11.55 -5.94 4.42
N LEU A 227 11.47 -7.18 3.90
CA LEU A 227 10.61 -8.20 4.48
C LEU A 227 10.98 -8.56 5.91
N TYR A 228 12.28 -8.83 6.15
CA TYR A 228 12.69 -9.18 7.50
C TYR A 228 12.45 -8.04 8.50
N ASP A 229 12.79 -6.79 8.11
CA ASP A 229 12.62 -5.65 8.99
C ASP A 229 11.15 -5.45 9.35
N GLN A 230 10.28 -5.59 8.36
CA GLN A 230 8.84 -5.47 8.59
C GLN A 230 8.39 -6.55 9.57
N TRP A 231 8.83 -7.79 9.32
CA TRP A 231 8.48 -8.91 10.19
C TRP A 231 8.99 -8.72 11.60
N HIS A 232 10.29 -8.36 11.74
CA HIS A 232 10.93 -8.16 13.04
C HIS A 232 10.15 -7.15 13.90
N CYS A 233 9.74 -6.04 13.30
CA CYS A 233 8.94 -5.03 13.99
C CYS A 233 7.59 -5.63 14.46
N MET A 234 6.94 -6.44 13.62
CA MET A 234 5.66 -7.03 14.04
C MET A 234 5.87 -8.03 15.13
N GLU A 235 7.02 -8.71 15.11
CA GLU A 235 7.37 -9.73 16.10
C GLU A 235 7.63 -9.12 17.45
N VAL A 236 8.52 -8.12 17.52
CA VAL A 236 8.93 -7.53 18.81
C VAL A 236 8.00 -6.42 19.30
N ASN A 237 7.23 -5.81 18.40
CA ASN A 237 6.33 -4.75 18.77
C ASN A 237 4.89 -5.15 18.65
N HIS A 238 4.60 -6.46 18.80
CA HIS A 238 3.25 -7.04 18.83
C HIS A 238 2.30 -6.53 17.74
N GLY A 239 2.67 -6.74 16.49
CA GLY A 239 1.81 -6.39 15.36
C GLY A 239 2.11 -5.05 14.73
N LYS A 240 2.89 -4.23 15.42
CA LYS A 240 3.22 -2.90 14.92
C LYS A 240 3.78 -2.96 13.47
N TRP A 241 3.23 -2.14 12.53
CA TRP A 241 3.79 -2.05 11.17
C TRP A 241 4.77 -0.91 11.27
N ARG A 242 5.97 -1.04 10.71
CA ARG A 242 6.97 0.02 10.81
C ARG A 242 6.43 1.37 10.41
N PHE A 243 5.69 1.43 9.32
CA PHE A 243 5.13 2.64 8.73
C PHE A 243 3.62 2.52 8.71
N THR A 244 2.92 3.61 8.38
CA THR A 244 1.44 3.58 8.39
C THR A 244 0.90 2.44 7.58
N SER A 245 -0.08 1.71 8.14
CA SER A 245 -0.74 0.61 7.45
C SER A 245 -2.16 1.04 7.05
N PRO A 246 -2.81 0.38 6.06
CA PRO A 246 -4.20 0.77 5.68
C PRO A 246 -5.20 0.14 6.68
N THR A 247 -5.25 0.74 7.87
CA THR A 247 -6.01 0.28 9.05
C THR A 247 -7.39 -0.27 8.71
N HIS A 248 -8.20 0.52 8.04
CA HIS A 248 -9.57 0.13 7.67
C HIS A 248 -9.57 -1.14 6.83
N THR A 249 -8.63 -1.26 5.86
CA THR A 249 -8.54 -2.46 5.01
C THR A 249 -8.06 -3.67 5.81
N VAL A 250 -7.21 -3.44 6.80
CA VAL A 250 -6.72 -4.49 7.70
C VAL A 250 -7.89 -4.99 8.57
N ARG A 251 -8.69 -4.07 9.09
CA ARG A 251 -9.85 -4.47 9.89
C ARG A 251 -10.89 -5.20 9.01
N ALA A 252 -11.03 -4.78 7.73
CA ALA A 252 -11.92 -5.49 6.77
C ALA A 252 -11.38 -6.91 6.57
N PHE A 253 -10.06 -7.06 6.51
CA PHE A 253 -9.44 -8.36 6.32
C PHE A 253 -9.71 -9.28 7.49
N TYR A 254 -9.61 -8.76 8.71
CA TYR A 254 -9.94 -9.46 9.93
C TYR A 254 -11.39 -10.00 9.82
N GLN A 255 -12.31 -9.18 9.31
CA GLN A 255 -13.71 -9.58 9.11
C GLN A 255 -13.80 -10.66 8.00
N ALA A 256 -13.02 -10.51 6.91
CA ALA A 256 -13.00 -11.52 5.84
C ALA A 256 -12.52 -12.87 6.37
N LEU A 257 -11.54 -12.88 7.28
CA LEU A 257 -11.05 -14.14 7.87
C LEU A 257 -12.12 -14.81 8.70
N LEU A 258 -12.91 -14.01 9.47
CA LEU A 258 -14.02 -14.56 10.27
C LEU A 258 -15.07 -15.19 9.36
N GLU A 259 -15.40 -14.52 8.25
CA GLU A 259 -16.42 -15.04 7.33
C GLU A 259 -15.98 -16.30 6.61
N LEU A 260 -14.65 -16.45 6.36
CA LEU A 260 -14.11 -17.68 5.77
C LEU A 260 -14.27 -18.81 6.79
N GLU A 261 -13.96 -18.57 8.10
CA GLU A 261 -14.16 -19.60 9.15
C GLU A 261 -15.64 -19.98 9.21
N GLN A 262 -16.53 -18.97 9.18
CA GLN A 262 -17.98 -19.19 9.25
C GLN A 262 -18.53 -19.96 8.07
N GLU A 263 -17.91 -19.80 6.89
CA GLU A 263 -18.27 -20.54 5.67
C GLU A 263 -17.92 -22.03 5.79
N GLY A 264 -16.93 -22.36 6.61
CA GLY A 264 -16.45 -23.72 6.80
C GLY A 264 -15.00 -23.85 6.37
N GLY A 265 -14.32 -22.72 6.22
CA GLY A 265 -12.91 -22.72 5.89
C GLY A 265 -12.62 -22.88 4.42
N ILE A 266 -11.31 -23.06 4.10
CA ILE A 266 -10.84 -23.15 2.73
C ILE A 266 -11.52 -24.31 1.97
N GLU A 267 -11.79 -25.44 2.64
CA GLU A 267 -12.47 -26.59 2.02
C GLU A 267 -13.85 -26.22 1.49
N ALA A 268 -14.65 -25.51 2.30
CA ALA A 268 -16.00 -25.08 1.91
C ALA A 268 -15.90 -23.99 0.84
N ARG A 269 -14.98 -23.03 1.00
CA ARG A 269 -14.87 -21.98 -0.02
C ARG A 269 -14.45 -22.56 -1.36
N HIS A 270 -13.48 -23.50 -1.32
CA HIS A 270 -13.01 -24.17 -2.53
C HIS A 270 -14.16 -24.88 -3.21
N ASN A 271 -15.02 -25.58 -2.45
CA ASN A 271 -16.19 -26.28 -2.99
C ASN A 271 -17.14 -25.32 -3.67
N ARG A 272 -17.40 -24.15 -3.09
CA ARG A 272 -18.26 -23.14 -3.70
C ARG A 272 -17.62 -22.63 -5.00
N TYR A 273 -16.33 -22.29 -4.96
CA TYR A 273 -15.60 -21.80 -6.12
C TYR A 273 -15.58 -22.82 -7.24
N GLN A 274 -15.28 -24.10 -6.92
CA GLN A 274 -15.27 -25.21 -7.91
C GLN A 274 -16.62 -25.37 -8.57
N THR A 275 -17.71 -25.32 -7.78
CA THR A 275 -19.08 -25.46 -8.29
C THR A 275 -19.41 -24.27 -9.19
N ASN A 276 -19.05 -23.05 -8.75
CA ASN A 276 -19.27 -21.84 -9.55
C ASN A 276 -18.56 -21.97 -10.90
N GLN A 277 -17.26 -22.32 -10.87
CA GLN A 277 -16.45 -22.39 -12.09
C GLN A 277 -16.94 -23.43 -13.06
N LYS A 278 -17.29 -24.61 -12.57
CA LYS A 278 -17.79 -25.70 -13.41
C LYS A 278 -19.16 -25.39 -13.98
N THR A 279 -20.01 -24.74 -13.18
CA THR A 279 -21.35 -24.35 -13.62
C THR A 279 -21.22 -23.28 -14.71
N LEU A 280 -20.33 -22.30 -14.48
CA LEU A 280 -20.04 -21.24 -15.44
C LEU A 280 -19.55 -21.81 -16.77
N VAL A 281 -18.53 -22.72 -16.73
CA VAL A 281 -18.00 -23.34 -17.94
C VAL A 281 -19.08 -24.05 -18.73
N ALA A 282 -19.94 -24.83 -18.05
CA ALA A 282 -21.03 -25.57 -18.72
C ALA A 282 -22.01 -24.59 -19.35
N GLY A 283 -22.31 -23.51 -18.63
CA GLY A 283 -23.23 -22.47 -19.08
C GLY A 283 -22.68 -21.75 -20.29
N MET A 284 -21.38 -21.44 -20.26
CA MET A 284 -20.69 -20.78 -21.38
C MET A 284 -20.65 -21.66 -22.59
N ARG A 285 -20.35 -22.95 -22.42
CA ARG A 285 -20.34 -23.89 -23.54
C ARG A 285 -21.69 -24.01 -24.18
N SER A 286 -22.77 -23.94 -23.37
CA SER A 286 -24.15 -24.06 -23.89
C SER A 286 -24.48 -22.88 -24.79
N LEU A 287 -23.75 -21.76 -24.61
CA LEU A 287 -23.94 -20.56 -25.41
C LEU A 287 -22.97 -20.48 -26.58
N GLY A 288 -22.06 -21.46 -26.70
CA GLY A 288 -21.16 -21.53 -27.84
C GLY A 288 -19.77 -20.99 -27.55
N PHE A 289 -19.52 -20.60 -26.28
CA PHE A 289 -18.22 -20.09 -25.88
C PHE A 289 -17.26 -21.23 -25.64
N GLU A 290 -15.99 -21.03 -26.00
CA GLU A 290 -14.99 -22.06 -25.81
C GLU A 290 -13.96 -21.58 -24.82
N PRO A 291 -13.68 -22.37 -23.77
CA PRO A 291 -12.62 -21.98 -22.86
C PRO A 291 -11.27 -22.11 -23.56
N LEU A 292 -10.31 -21.24 -23.21
CA LEU A 292 -8.97 -21.25 -23.74
C LEU A 292 -8.25 -22.51 -23.34
N LEU A 293 -8.41 -22.91 -22.08
CA LEU A 293 -7.66 -24.06 -21.60
C LEU A 293 -8.48 -25.29 -21.59
N SER A 294 -7.82 -26.45 -21.68
CA SER A 294 -8.50 -27.73 -21.54
C SER A 294 -8.95 -27.83 -20.08
N ASP A 295 -10.12 -28.47 -19.84
CA ASP A 295 -10.72 -28.56 -18.50
C ASP A 295 -9.77 -29.03 -17.41
N ASP A 296 -8.83 -29.94 -17.72
CA ASP A 296 -7.88 -30.44 -16.70
C ASP A 296 -6.94 -29.35 -16.15
N LEU A 297 -6.80 -28.22 -16.85
CA LEU A 297 -5.88 -27.14 -16.43
C LEU A 297 -6.59 -26.01 -15.69
N HIS A 298 -7.94 -26.09 -15.62
CA HIS A 298 -8.73 -25.04 -15.00
C HIS A 298 -8.49 -24.91 -13.53
N SER A 299 -8.43 -23.66 -13.06
CA SER A 299 -8.41 -23.39 -11.66
C SER A 299 -9.91 -23.17 -11.32
N PRO A 300 -10.32 -23.23 -10.04
CA PRO A 300 -11.71 -22.90 -9.73
C PRO A 300 -11.93 -21.39 -9.51
N ILE A 301 -10.99 -20.53 -9.99
CA ILE A 301 -10.99 -19.08 -9.67
C ILE A 301 -11.53 -18.16 -10.75
N ILE A 302 -10.95 -18.28 -11.93
CA ILE A 302 -11.24 -17.41 -13.05
C ILE A 302 -11.07 -18.24 -14.32
N THR A 303 -11.87 -17.96 -15.33
CA THR A 303 -11.79 -18.72 -16.58
C THR A 303 -11.65 -17.78 -17.76
N SER A 304 -10.79 -18.13 -18.71
CA SER A 304 -10.62 -17.40 -19.96
C SER A 304 -11.34 -18.13 -21.03
N PHE A 305 -12.02 -17.35 -21.90
CA PHE A 305 -12.79 -17.85 -23.02
C PHE A 305 -12.31 -17.18 -24.27
N TYR A 306 -12.37 -17.88 -25.40
CA TYR A 306 -11.99 -17.26 -26.67
C TYR A 306 -13.07 -16.27 -27.02
N SER A 307 -12.68 -15.16 -27.62
CA SER A 307 -13.64 -14.20 -28.15
C SER A 307 -14.46 -14.87 -29.25
N PRO A 308 -15.79 -14.62 -29.28
CA PRO A 308 -16.58 -15.11 -30.41
C PRO A 308 -15.97 -14.65 -31.74
N THR A 309 -16.04 -15.50 -32.78
CA THR A 309 -15.43 -15.21 -34.05
C THR A 309 -16.40 -14.50 -35.02
N HIS A 310 -17.46 -13.90 -34.46
CA HIS A 310 -18.42 -13.17 -35.29
C HIS A 310 -17.79 -11.80 -35.57
N SER A 311 -17.88 -11.32 -36.79
CA SER A 311 -17.28 -10.03 -37.18
C SER A 311 -17.82 -8.82 -36.40
N ASP A 312 -19.05 -8.91 -35.87
CA ASP A 312 -19.64 -7.82 -35.08
C ASP A 312 -19.28 -7.85 -33.60
N TYR A 313 -18.63 -8.95 -33.15
CA TYR A 313 -18.25 -9.04 -31.73
C TYR A 313 -17.16 -8.04 -31.40
N GLN A 314 -17.31 -7.37 -30.26
CA GLN A 314 -16.33 -6.43 -29.73
C GLN A 314 -16.46 -6.55 -28.22
N PHE A 315 -15.34 -6.71 -27.55
CA PHE A 315 -15.31 -6.85 -26.11
C PHE A 315 -16.00 -5.66 -25.42
N LYS A 316 -15.65 -4.42 -25.80
CA LYS A 316 -16.23 -3.25 -25.14
C LYS A 316 -17.77 -3.27 -25.19
N ALA A 317 -18.37 -3.58 -26.36
CA ALA A 317 -19.84 -3.62 -26.50
C ALA A 317 -20.46 -4.74 -25.66
N PHE A 318 -19.81 -5.92 -25.62
CA PHE A 318 -20.26 -7.10 -24.84
C PHE A 318 -20.18 -6.77 -23.33
N TYR A 319 -19.05 -6.21 -22.90
CA TYR A 319 -18.75 -5.76 -21.54
C TYR A 319 -19.83 -4.78 -21.06
N THR A 320 -20.14 -3.76 -21.88
CA THR A 320 -21.14 -2.74 -21.57
C THR A 320 -22.53 -3.34 -21.44
N ARG A 321 -22.89 -4.23 -22.37
CA ARG A 321 -24.19 -4.89 -22.35
C ARG A 321 -24.37 -5.75 -21.10
N LEU A 322 -23.26 -6.35 -20.59
CA LEU A 322 -23.30 -7.14 -19.37
C LEU A 322 -23.37 -6.23 -18.15
N LYS A 323 -22.63 -5.10 -18.17
CA LYS A 323 -22.67 -4.11 -17.06
C LYS A 323 -24.09 -3.61 -16.89
N GLU A 324 -24.81 -3.35 -18.01
CA GLU A 324 -26.22 -2.93 -18.03
C GLU A 324 -27.13 -3.95 -17.33
N GLN A 325 -26.70 -5.22 -17.27
CA GLN A 325 -27.45 -6.29 -16.61
C GLN A 325 -26.94 -6.61 -15.19
N GLY A 326 -25.97 -5.83 -14.72
CA GLY A 326 -25.44 -5.95 -13.37
C GLY A 326 -24.21 -6.81 -13.19
N PHE A 327 -23.47 -7.13 -14.27
CA PHE A 327 -22.28 -7.99 -14.19
C PHE A 327 -21.09 -7.33 -14.82
N VAL A 328 -19.95 -7.39 -14.10
CA VAL A 328 -18.69 -6.85 -14.60
C VAL A 328 -17.79 -7.99 -14.91
N ILE A 329 -17.45 -8.18 -16.19
CA ILE A 329 -16.56 -9.27 -16.56
C ILE A 329 -15.15 -8.71 -16.74
N TYR A 330 -14.21 -9.51 -17.26
CA TYR A 330 -12.84 -9.07 -17.22
C TYR A 330 -12.10 -9.19 -18.55
N PRO A 331 -11.21 -8.23 -18.88
CA PRO A 331 -10.50 -8.32 -20.17
C PRO A 331 -9.56 -9.53 -20.20
N GLY A 332 -9.21 -9.94 -21.40
CA GLY A 332 -8.29 -11.04 -21.65
C GLY A 332 -6.88 -10.57 -21.44
N LYS A 333 -5.98 -11.48 -21.08
CA LYS A 333 -4.62 -11.09 -20.77
C LYS A 333 -3.60 -11.99 -21.40
N VAL A 334 -3.98 -12.69 -22.43
CA VAL A 334 -3.11 -13.66 -23.05
C VAL A 334 -2.41 -13.14 -24.27
N SER A 335 -1.10 -13.45 -24.31
CA SER A 335 -0.25 -13.18 -25.47
C SER A 335 -0.79 -14.02 -26.61
N ASN A 336 -1.03 -13.36 -27.73
CA ASN A 336 -1.44 -13.94 -29.00
C ASN A 336 -2.78 -14.67 -28.96
N ALA A 337 -3.67 -14.27 -28.06
CA ALA A 337 -5.02 -14.84 -28.06
C ALA A 337 -5.98 -13.73 -27.79
N ASP A 338 -7.09 -13.73 -28.52
CA ASP A 338 -8.19 -12.77 -28.40
C ASP A 338 -9.15 -13.47 -27.47
N CYS A 339 -9.27 -12.95 -26.25
CA CYS A 339 -10.02 -13.64 -25.21
C CYS A 339 -10.50 -12.70 -24.13
N PHE A 340 -11.33 -13.20 -23.21
CA PHE A 340 -11.82 -12.42 -22.09
C PHE A 340 -11.87 -13.36 -20.90
N ARG A 341 -12.17 -12.84 -19.72
CA ARG A 341 -12.20 -13.66 -18.51
C ARG A 341 -13.45 -13.40 -17.69
N ILE A 342 -13.83 -14.41 -16.92
CA ILE A 342 -14.91 -14.30 -15.95
C ILE A 342 -14.43 -14.97 -14.70
N GLY A 343 -14.34 -14.20 -13.62
CA GLY A 343 -14.00 -14.70 -12.29
C GLY A 343 -15.26 -15.27 -11.67
N ASN A 344 -15.12 -16.11 -10.65
CA ASN A 344 -16.31 -16.64 -10.00
C ASN A 344 -16.07 -16.63 -8.48
N ILE A 345 -15.26 -15.67 -8.01
CA ILE A 345 -14.91 -15.54 -6.59
C ILE A 345 -15.50 -14.27 -5.99
N GLY A 346 -15.42 -14.16 -4.65
CA GLY A 346 -16.05 -13.07 -3.92
C GLY A 346 -17.46 -13.50 -3.63
N GLU A 347 -18.37 -12.54 -3.61
CA GLU A 347 -19.80 -12.81 -3.31
C GLU A 347 -20.52 -13.37 -4.48
N VAL A 348 -20.04 -14.52 -4.97
CA VAL A 348 -20.58 -15.19 -6.15
C VAL A 348 -21.00 -16.55 -5.69
N TYR A 349 -22.29 -16.82 -5.90
CA TYR A 349 -22.92 -18.06 -5.51
C TYR A 349 -23.57 -18.72 -6.73
N PRO A 350 -23.94 -20.02 -6.64
CA PRO A 350 -24.63 -20.68 -7.77
C PRO A 350 -25.76 -19.88 -8.42
N ALA A 351 -26.60 -19.21 -7.63
CA ALA A 351 -27.73 -18.41 -8.15
C ALA A 351 -27.23 -17.24 -9.02
N ASP A 352 -26.04 -16.68 -8.69
CA ASP A 352 -25.41 -15.60 -9.45
C ASP A 352 -24.91 -16.09 -10.79
N ILE A 353 -24.35 -17.30 -10.82
CA ILE A 353 -23.84 -17.92 -12.04
C ILE A 353 -25.00 -18.17 -13.00
N GLU A 354 -26.14 -18.62 -12.45
CA GLU A 354 -27.36 -18.88 -13.22
C GLU A 354 -27.87 -17.58 -13.86
N ARG A 355 -27.94 -16.48 -13.07
CA ARG A 355 -28.36 -15.16 -13.56
C ARG A 355 -27.36 -14.66 -14.61
N LEU A 356 -26.06 -14.91 -14.37
CA LEU A 356 -25.00 -14.51 -15.28
C LEU A 356 -25.16 -15.16 -16.65
N ILE A 357 -25.40 -16.50 -16.70
CA ILE A 357 -25.58 -17.23 -17.95
C ILE A 357 -26.75 -16.63 -18.75
N GLY A 358 -27.82 -16.25 -18.04
CA GLY A 358 -28.97 -15.61 -18.67
C GLY A 358 -28.57 -14.25 -19.24
N ALA A 359 -27.80 -13.48 -18.46
CA ALA A 359 -27.31 -12.15 -18.84
C ALA A 359 -26.32 -12.20 -20.03
N ILE A 360 -25.40 -13.20 -20.06
CA ILE A 360 -24.45 -13.41 -21.15
C ILE A 360 -25.27 -13.59 -22.42
N GLU A 361 -26.31 -14.48 -22.39
CA GLU A 361 -27.16 -14.72 -23.56
C GLU A 361 -27.84 -13.43 -24.07
N LYS A 362 -28.30 -12.57 -23.13
CA LYS A 362 -28.97 -11.31 -23.49
C LYS A 362 -27.99 -10.28 -24.03
N ALA A 363 -26.69 -10.44 -23.72
CA ALA A 363 -25.63 -9.54 -24.17
C ALA A 363 -25.02 -9.99 -25.51
N MET A 364 -25.45 -11.14 -26.06
CA MET A 364 -24.95 -11.67 -27.34
C MET A 364 -25.67 -11.02 -28.52
N TYR A 365 -25.46 -9.69 -28.65
CA TYR A 365 -26.08 -8.81 -29.63
C TYR A 365 -25.84 -9.23 -31.08
N TRP A 366 -24.72 -9.93 -31.34
CA TRP A 366 -24.31 -10.42 -32.66
C TRP A 366 -25.08 -11.69 -33.05
N GLN A 367 -25.96 -12.20 -32.17
CA GLN A 367 -26.78 -13.40 -32.39
C GLN A 367 -28.27 -13.10 -32.16
N GLU B 6 -15.76 5.97 18.29
CA GLU B 6 -15.91 6.58 19.61
C GLU B 6 -14.71 7.44 20.03
N TYR B 7 -13.43 6.90 20.06
CA TYR B 7 -12.30 7.77 20.41
C TYR B 7 -12.10 8.88 19.41
N LEU B 8 -11.59 10.00 19.89
CA LEU B 8 -11.11 11.07 19.04
C LEU B 8 -9.60 10.83 19.02
N LEU B 9 -9.03 10.61 17.81
CA LEU B 9 -7.62 10.31 17.64
C LEU B 9 -6.86 11.60 17.45
N LEU B 10 -6.08 11.99 18.47
CA LEU B 10 -5.26 13.20 18.43
C LEU B 10 -3.86 12.80 17.98
N THR B 11 -3.86 12.20 16.81
CA THR B 11 -2.66 11.67 16.19
C THR B 11 -2.38 12.51 14.94
N PRO B 12 -1.20 12.35 14.32
CA PRO B 12 -0.93 13.07 13.08
C PRO B 12 -1.58 12.42 11.83
N GLY B 13 -2.18 11.24 11.99
CA GLY B 13 -2.72 10.49 10.87
C GLY B 13 -2.08 9.13 10.81
N PRO B 14 -2.84 8.03 10.67
CA PRO B 14 -4.32 7.89 10.57
C PRO B 14 -5.01 8.55 11.75
N LEU B 15 -6.11 9.26 11.51
CA LEU B 15 -6.77 10.11 12.50
C LEU B 15 -8.25 9.86 12.45
N SER B 16 -9.05 10.71 13.11
CA SER B 16 -10.52 10.59 13.11
C SER B 16 -11.03 11.24 11.86
N THR B 17 -11.65 10.42 11.02
CA THR B 17 -12.17 10.83 9.71
C THR B 17 -13.63 11.14 9.84
N SER B 18 -14.19 11.89 8.91
CA SER B 18 -15.63 12.18 9.01
C SER B 18 -16.42 10.90 8.68
N GLU B 19 -17.70 10.88 9.04
CA GLU B 19 -18.58 9.75 8.75
C GLU B 19 -18.70 9.55 7.23
N ALA B 20 -18.77 10.66 6.44
CA ALA B 20 -18.89 10.58 4.97
C ALA B 20 -17.64 10.01 4.32
N VAL B 21 -16.46 10.31 4.87
CA VAL B 21 -15.21 9.77 4.31
C VAL B 21 -15.19 8.26 4.49
N ARG B 22 -15.56 7.78 5.71
CA ARG B 22 -15.67 6.34 5.94
C ARG B 22 -16.81 5.68 5.16
N GLU B 23 -17.98 6.32 5.08
CA GLU B 23 -19.12 5.77 4.36
C GLU B 23 -18.80 5.59 2.88
N ALA B 24 -17.93 6.46 2.33
CA ALA B 24 -17.52 6.39 0.91
C ALA B 24 -16.82 5.04 0.58
N MET B 25 -16.37 4.31 1.62
CA MET B 25 -15.69 3.02 1.46
C MET B 25 -16.64 1.85 1.31
N LEU B 26 -17.95 2.10 1.42
CA LEU B 26 -18.93 1.03 1.36
C LEU B 26 -19.29 0.56 -0.06
N LYS B 27 -18.52 0.97 -1.05
CA LYS B 27 -18.73 0.56 -2.45
C LYS B 27 -17.51 -0.17 -2.98
N ASP B 28 -17.72 -1.26 -3.76
CA ASP B 28 -16.62 -1.97 -4.42
C ASP B 28 -16.41 -1.38 -5.80
N TRP B 29 -15.19 -1.46 -6.29
CA TRP B 29 -14.80 -0.91 -7.59
C TRP B 29 -14.02 -1.90 -8.36
N CYS B 30 -14.16 -1.87 -9.70
CA CYS B 30 -13.32 -2.68 -10.55
C CYS B 30 -12.13 -1.82 -10.97
N THR B 31 -10.91 -2.32 -10.76
CA THR B 31 -9.67 -1.60 -11.08
C THR B 31 -9.41 -1.39 -12.58
N TRP B 32 -10.15 -2.11 -13.45
CA TRP B 32 -10.02 -2.00 -14.90
C TRP B 32 -11.21 -1.25 -15.48
N ASP B 33 -12.08 -0.67 -14.65
CA ASP B 33 -13.27 0.03 -15.16
C ASP B 33 -13.13 1.56 -15.06
N ASP B 34 -13.61 2.28 -16.11
CA ASP B 34 -13.57 3.74 -16.21
C ASP B 34 -14.29 4.47 -15.11
N GLU B 35 -15.30 3.83 -14.49
CA GLU B 35 -16.04 4.47 -13.40
C GLU B 35 -15.13 4.70 -12.20
N TYR B 36 -14.11 3.88 -12.07
CA TYR B 36 -13.13 4.06 -11.02
C TYR B 36 -11.98 4.94 -11.56
N ASN B 37 -11.39 4.52 -12.65
CA ASN B 37 -10.20 5.21 -13.18
C ASN B 37 -10.45 6.62 -13.64
N LYS B 38 -11.48 6.82 -14.45
CA LYS B 38 -11.76 8.16 -14.95
C LYS B 38 -12.52 8.99 -13.94
N ASP B 39 -13.60 8.42 -13.37
CA ASP B 39 -14.46 9.20 -12.49
C ASP B 39 -13.90 9.45 -11.10
N ILE B 40 -13.04 8.56 -10.59
CA ILE B 40 -12.51 8.77 -9.26
C ILE B 40 -11.05 9.14 -9.34
N VAL B 41 -10.21 8.25 -9.91
CA VAL B 41 -8.75 8.46 -9.93
C VAL B 41 -8.32 9.75 -10.65
N GLU B 42 -8.77 9.95 -11.89
CA GLU B 42 -8.38 11.14 -12.67
C GLU B 42 -8.81 12.44 -12.04
N VAL B 43 -9.96 12.41 -11.35
CA VAL B 43 -10.48 13.59 -10.63
C VAL B 43 -9.55 13.94 -9.45
N ILE B 44 -9.16 12.93 -8.65
CA ILE B 44 -8.21 13.10 -7.53
C ILE B 44 -6.91 13.71 -8.08
N ARG B 45 -6.39 13.14 -9.18
CA ARG B 45 -5.14 13.64 -9.77
C ARG B 45 -5.25 15.12 -10.14
N THR B 46 -6.34 15.50 -10.79
CA THR B 46 -6.57 16.89 -11.23
C THR B 46 -6.64 17.81 -10.01
N LYS B 47 -7.42 17.41 -8.99
CA LYS B 47 -7.63 18.19 -7.77
C LYS B 47 -6.36 18.35 -6.98
N LEU B 48 -5.55 17.27 -6.86
CA LEU B 48 -4.29 17.33 -6.12
C LEU B 48 -3.34 18.34 -6.71
N VAL B 49 -3.21 18.39 -8.05
CA VAL B 49 -2.29 19.37 -8.64
C VAL B 49 -2.75 20.77 -8.32
N LYS B 50 -4.07 21.06 -8.49
CA LYS B 50 -4.60 22.41 -8.23
C LYS B 50 -4.48 22.77 -6.76
N LEU B 51 -4.54 21.78 -5.86
CA LEU B 51 -4.32 22.07 -4.44
C LEU B 51 -2.88 22.48 -4.18
N ALA B 52 -1.91 21.87 -4.89
CA ALA B 52 -0.47 22.11 -4.67
C ALA B 52 0.03 23.37 -5.32
N THR B 53 -0.60 23.79 -6.40
CA THR B 53 -0.16 24.97 -7.12
C THR B 53 -1.24 25.57 -7.95
N LYS B 54 -1.16 26.89 -8.19
CA LYS B 54 -2.07 27.60 -9.09
C LYS B 54 -1.39 27.72 -10.45
N HIS B 55 -0.13 27.22 -10.56
CA HIS B 55 0.62 27.33 -11.81
C HIS B 55 0.60 26.04 -12.64
N SER B 56 1.05 26.15 -13.90
CA SER B 56 1.11 25.05 -14.84
C SER B 56 2.45 24.30 -14.67
N GLY B 57 2.57 23.18 -15.38
CA GLY B 57 3.79 22.40 -15.40
C GLY B 57 3.89 21.29 -14.39
N TYR B 58 2.86 21.08 -13.58
CA TYR B 58 2.90 20.03 -12.57
C TYR B 58 1.92 18.91 -12.87
N THR B 59 2.14 17.76 -12.26
CA THR B 59 1.35 16.56 -12.45
C THR B 59 1.38 15.72 -11.18
N SER B 60 0.49 14.75 -11.06
CA SER B 60 0.50 13.91 -9.88
C SER B 60 0.57 12.44 -10.23
N VAL B 61 1.06 11.66 -9.27
CA VAL B 61 1.19 10.21 -9.36
C VAL B 61 0.67 9.74 -8.06
N LEU B 62 -0.09 8.64 -8.06
CA LEU B 62 -0.57 8.06 -6.81
C LEU B 62 0.20 6.77 -6.64
N MET B 63 0.55 6.41 -5.41
CA MET B 63 1.37 5.22 -5.18
C MET B 63 0.82 4.44 -4.00
N GLN B 64 0.54 3.16 -4.17
CA GLN B 64 0.05 2.28 -3.12
C GLN B 64 1.08 2.18 -2.03
N GLY B 65 0.60 1.97 -0.80
CA GLY B 65 1.47 1.76 0.36
C GLY B 65 1.49 2.93 1.31
N SER B 66 2.47 2.92 2.22
CA SER B 66 2.61 3.99 3.23
C SER B 66 3.17 5.20 2.51
N GLY B 67 3.12 6.38 3.13
CA GLY B 67 3.71 7.58 2.56
C GLY B 67 5.22 7.37 2.36
N THR B 68 5.87 6.56 3.20
CA THR B 68 7.30 6.24 3.08
C THR B 68 7.58 5.58 1.71
N ALA B 69 6.60 4.80 1.19
CA ALA B 69 6.79 4.15 -0.10
C ALA B 69 6.82 5.19 -1.23
N SER B 70 6.13 6.31 -1.03
CA SER B 70 6.09 7.42 -2.01
C SER B 70 7.36 8.21 -1.97
N VAL B 71 7.89 8.42 -0.75
CA VAL B 71 9.19 9.08 -0.52
C VAL B 71 10.26 8.21 -1.21
N GLU B 72 10.24 6.91 -0.94
CA GLU B 72 11.19 5.98 -1.53
C GLU B 72 11.05 5.89 -3.05
N ALA B 73 9.81 5.90 -3.58
CA ALA B 73 9.59 5.86 -5.02
C ALA B 73 10.20 7.11 -5.61
N THR B 74 10.08 8.25 -4.94
CA THR B 74 10.64 9.51 -5.45
C THR B 74 12.17 9.45 -5.48
N ILE B 75 12.76 9.13 -4.35
CA ILE B 75 14.22 9.06 -4.23
C ILE B 75 14.81 8.06 -5.22
N GLY B 76 14.28 6.84 -5.22
CA GLY B 76 14.77 5.78 -6.08
C GLY B 76 14.53 5.97 -7.57
N SER B 77 13.51 6.78 -7.94
CA SER B 77 13.20 7.02 -9.36
C SER B 77 13.84 8.29 -9.87
N ALA B 78 13.90 9.34 -9.04
CA ALA B 78 14.46 10.62 -9.48
C ALA B 78 15.97 10.65 -9.54
N ILE B 79 16.63 9.90 -8.67
CA ILE B 79 18.09 10.06 -8.59
C ILE B 79 18.80 9.09 -9.50
N GLY B 80 19.61 9.63 -10.40
CA GLY B 80 20.40 8.83 -11.34
C GLY B 80 21.50 8.04 -10.65
N LYS B 81 22.27 7.30 -11.45
CA LYS B 81 23.37 6.46 -10.97
C LYS B 81 24.48 7.30 -10.37
N GLU B 82 24.66 8.55 -10.85
CA GLU B 82 25.72 9.42 -10.38
C GLU B 82 25.24 10.51 -9.42
N GLY B 83 23.97 10.43 -9.03
CA GLY B 83 23.38 11.42 -8.14
C GLY B 83 23.82 11.33 -6.69
N LYS B 84 23.60 12.41 -5.95
CA LYS B 84 23.90 12.48 -4.53
C LYS B 84 22.83 13.30 -3.87
N LEU B 85 22.31 12.78 -2.77
CA LEU B 85 21.24 13.48 -2.10
C LEU B 85 21.75 14.26 -0.89
N LEU B 86 21.33 15.51 -0.77
CA LEU B 86 21.55 16.32 0.42
C LEU B 86 20.27 16.18 1.24
N VAL B 87 20.34 15.61 2.47
CA VAL B 87 19.17 15.49 3.36
C VAL B 87 19.33 16.48 4.50
N VAL B 88 18.26 17.23 4.77
CA VAL B 88 18.15 18.12 5.92
C VAL B 88 17.41 17.26 6.93
N ASP B 89 18.14 16.71 7.92
CA ASP B 89 17.61 15.73 8.86
C ASP B 89 17.46 16.36 10.25
N ASN B 90 16.23 16.62 10.70
CA ASN B 90 16.03 17.10 12.05
C ASN B 90 14.84 16.36 12.68
N GLY B 91 14.89 15.04 12.55
CA GLY B 91 13.87 14.20 13.12
C GLY B 91 13.85 12.88 12.38
N ALA B 92 12.91 12.04 12.72
CA ALA B 92 12.83 10.71 12.20
C ALA B 92 12.62 10.63 10.68
N TYR B 93 11.97 11.62 10.08
CA TYR B 93 11.59 11.57 8.66
C TYR B 93 12.68 12.03 7.74
N GLY B 94 13.48 12.96 8.20
CA GLY B 94 14.68 13.33 7.47
C GLY B 94 15.68 12.20 7.63
N ALA B 95 15.77 11.61 8.84
CA ALA B 95 16.67 10.44 9.06
C ALA B 95 16.23 9.23 8.17
N ARG B 96 14.90 9.02 8.01
CA ARG B 96 14.39 7.93 7.18
C ARG B 96 14.74 8.17 5.71
N ILE B 97 14.78 9.45 5.27
CA ILE B 97 15.15 9.76 3.89
C ILE B 97 16.64 9.34 3.67
N ALA B 98 17.50 9.62 4.69
CA ALA B 98 18.91 9.24 4.61
C ALA B 98 18.99 7.71 4.58
N GLN B 99 18.13 7.02 5.36
CA GLN B 99 18.12 5.56 5.43
C GLN B 99 17.70 4.96 4.08
N ILE B 100 16.69 5.57 3.42
CA ILE B 100 16.26 5.13 2.08
C ILE B 100 17.44 5.27 1.14
N ALA B 101 18.11 6.43 1.13
CA ALA B 101 19.28 6.60 0.24
C ALA B 101 20.33 5.51 0.47
N ASP B 102 20.56 5.16 1.76
CA ASP B 102 21.52 4.12 2.13
C ASP B 102 21.10 2.76 1.55
N TYR B 103 19.81 2.38 1.70
CA TYR B 103 19.27 1.13 1.14
C TYR B 103 19.44 1.06 -0.37
N LEU B 104 19.27 2.22 -1.04
CA LEU B 104 19.34 2.30 -2.49
C LEU B 104 20.71 2.62 -3.02
N ASN B 105 21.72 2.56 -2.16
CA ASN B 105 23.10 2.86 -2.50
C ASN B 105 23.27 4.22 -3.16
N ILE B 106 22.53 5.22 -2.68
CA ILE B 106 22.67 6.57 -3.22
C ILE B 106 23.54 7.35 -2.22
N PRO B 107 24.69 7.93 -2.66
CA PRO B 107 25.49 8.76 -1.74
C PRO B 107 24.61 9.81 -1.10
N CYS B 108 24.92 10.13 0.14
CA CYS B 108 24.12 11.08 0.86
C CYS B 108 25.01 12.02 1.64
N HIS B 109 24.69 13.32 1.56
CA HIS B 109 25.26 14.39 2.38
C HIS B 109 24.10 14.70 3.36
N ALA B 110 24.31 14.65 4.69
CA ALA B 110 23.21 14.94 5.60
C ALA B 110 23.57 16.05 6.54
N VAL B 111 22.67 17.01 6.72
CA VAL B 111 22.87 18.06 7.72
C VAL B 111 21.92 17.68 8.83
N SER B 112 22.48 17.28 9.97
CA SER B 112 21.71 16.77 11.08
C SER B 112 21.91 17.59 12.36
N PRO B 113 21.17 18.72 12.54
CA PRO B 113 21.40 19.56 13.73
C PRO B 113 20.87 18.99 15.03
N GLY B 114 20.09 17.93 14.95
CA GLY B 114 19.47 17.32 16.14
C GLY B 114 17.97 17.36 16.00
N GLU B 115 17.28 16.41 16.66
CA GLU B 115 15.81 16.23 16.67
C GLU B 115 15.01 17.39 17.22
N THR B 116 15.60 18.30 18.00
CA THR B 116 14.85 19.41 18.59
C THR B 116 15.37 20.74 18.12
N SER B 117 16.23 20.73 17.08
CA SER B 117 16.84 21.93 16.53
C SER B 117 16.33 22.22 15.14
N GLN B 118 16.15 23.51 14.81
CA GLN B 118 15.73 23.86 13.47
C GLN B 118 17.02 23.91 12.65
N PRO B 119 17.01 23.40 11.40
CA PRO B 119 18.23 23.51 10.59
C PRO B 119 18.37 24.96 10.15
N HIS B 120 19.58 25.48 10.19
CA HIS B 120 19.80 26.87 9.80
C HIS B 120 20.05 26.92 8.30
N LEU B 121 19.62 28.01 7.64
CA LEU B 121 19.84 28.21 6.20
C LEU B 121 21.31 28.10 5.84
N ASN B 122 22.18 28.70 6.67
CA ASN B 122 23.63 28.70 6.51
C ASN B 122 24.18 27.27 6.47
N GLU B 123 23.52 26.30 7.14
CA GLU B 123 23.95 24.91 7.12
C GLU B 123 23.70 24.29 5.75
N VAL B 124 22.51 24.54 5.20
CA VAL B 124 22.13 24.03 3.89
C VAL B 124 22.98 24.73 2.82
N GLU B 125 23.19 26.06 2.94
CA GLU B 125 23.97 26.84 1.98
C GLU B 125 25.43 26.32 1.92
N THR B 126 26.03 26.09 3.09
CA THR B 126 27.40 25.62 3.25
C THR B 126 27.55 24.24 2.63
N ALA B 127 26.59 23.33 2.86
CA ALA B 127 26.67 22.00 2.27
C ALA B 127 26.67 22.09 0.74
N LEU B 128 25.79 22.96 0.20
CA LEU B 128 25.65 23.15 -1.24
C LEU B 128 26.86 23.78 -1.86
N ALA B 129 27.46 24.73 -1.15
CA ALA B 129 28.63 25.43 -1.64
C ALA B 129 29.92 24.58 -1.55
N SER B 130 30.00 23.66 -0.56
CA SER B 130 31.21 22.86 -0.37
C SER B 130 31.16 21.45 -0.98
N ASP B 131 29.98 20.99 -1.42
CA ASP B 131 29.85 19.65 -2.01
C ASP B 131 29.18 19.74 -3.39
N PRO B 132 29.98 19.96 -4.47
CA PRO B 132 29.36 20.05 -5.82
C PRO B 132 28.73 18.76 -6.35
N ALA B 133 29.01 17.59 -5.71
CA ALA B 133 28.46 16.29 -6.11
C ALA B 133 26.94 16.15 -5.83
N ILE B 134 26.39 16.98 -4.91
CA ILE B 134 24.96 16.93 -4.59
C ILE B 134 24.19 17.21 -5.89
N THR B 135 23.12 16.45 -6.17
CA THR B 135 22.30 16.71 -7.37
C THR B 135 20.87 16.98 -6.89
N HIS B 136 20.54 16.43 -5.70
CA HIS B 136 19.21 16.49 -5.15
C HIS B 136 19.22 16.96 -3.71
N VAL B 137 18.16 17.64 -3.32
CA VAL B 137 18.01 18.13 -1.94
C VAL B 137 16.67 17.67 -1.40
N ALA B 138 16.66 16.99 -0.22
CA ALA B 138 15.41 16.57 0.38
C ALA B 138 15.23 17.30 1.68
N ILE B 139 14.05 17.89 1.85
CA ILE B 139 13.65 18.67 3.03
C ILE B 139 12.30 18.18 3.51
N VAL B 140 11.99 18.38 4.78
CA VAL B 140 10.74 17.96 5.43
C VAL B 140 10.07 19.24 5.87
N HIS B 141 8.78 19.37 5.55
CA HIS B 141 8.03 20.58 5.85
C HIS B 141 7.65 20.63 7.34
N CYS B 142 6.81 19.72 7.82
CA CYS B 142 6.45 19.63 9.23
C CYS B 142 7.17 18.43 9.74
N GLU B 143 8.08 18.63 10.68
CA GLU B 143 8.79 17.50 11.21
C GLU B 143 7.96 16.93 12.34
N THR B 144 7.10 15.99 11.98
CA THR B 144 6.13 15.35 12.87
C THR B 144 6.75 14.77 14.15
N THR B 145 8.03 14.38 14.08
CA THR B 145 8.77 13.88 15.22
C THR B 145 8.48 14.74 16.44
N THR B 146 8.56 16.10 16.31
CA THR B 146 8.33 17.05 17.41
C THR B 146 7.15 17.99 17.11
N GLY B 147 6.77 18.05 15.83
CA GLY B 147 5.73 18.95 15.36
C GLY B 147 6.36 20.25 14.94
N MET B 148 7.68 20.27 14.74
CA MET B 148 8.36 21.49 14.28
C MET B 148 8.00 21.88 12.85
N LEU B 149 7.85 23.18 12.60
CA LEU B 149 7.60 23.65 11.25
C LEU B 149 8.92 24.14 10.69
N ASN B 150 9.43 23.46 9.64
CA ASN B 150 10.72 23.80 9.04
C ASN B 150 10.59 24.95 7.99
N PRO B 151 11.59 25.86 7.87
CA PRO B 151 11.52 26.94 6.85
C PRO B 151 11.95 26.45 5.44
N ILE B 152 11.01 25.84 4.78
CA ILE B 152 11.23 25.25 3.46
C ILE B 152 11.49 26.24 2.30
N GLU B 153 10.92 27.45 2.35
CA GLU B 153 11.11 28.41 1.27
C GLU B 153 12.59 28.75 1.01
N ALA B 154 13.33 29.15 2.06
CA ALA B 154 14.75 29.52 1.97
C ALA B 154 15.59 28.30 1.58
N PHE B 155 15.26 27.08 2.08
CA PHE B 155 16.06 25.88 1.75
C PHE B 155 15.89 25.54 0.28
N ALA B 156 14.62 25.53 -0.22
CA ALA B 156 14.33 25.20 -1.61
C ALA B 156 14.95 26.23 -2.51
N SER B 157 14.88 27.51 -2.11
CA SER B 157 15.44 28.62 -2.87
C SER B 157 16.96 28.46 -3.03
N ALA B 158 17.67 28.10 -1.93
CA ALA B 158 19.12 27.87 -1.92
C ALA B 158 19.48 26.71 -2.84
N ALA B 159 18.73 25.60 -2.76
CA ALA B 159 18.94 24.43 -3.61
C ALA B 159 18.73 24.76 -5.08
N LYS B 160 17.63 25.47 -5.41
CA LYS B 160 17.36 25.87 -6.81
C LYS B 160 18.46 26.79 -7.37
N ALA B 161 18.97 27.74 -6.55
CA ALA B 161 20.06 28.66 -6.94
C ALA B 161 21.32 27.85 -7.26
N HIS B 162 21.47 26.68 -6.60
CA HIS B 162 22.60 25.78 -6.82
C HIS B 162 22.32 24.73 -7.89
N GLY B 163 21.17 24.83 -8.56
CA GLY B 163 20.80 23.95 -9.66
C GLY B 163 20.47 22.54 -9.23
N LYS B 164 19.91 22.37 -8.02
CA LYS B 164 19.56 21.04 -7.52
C LYS B 164 18.11 20.75 -7.71
N VAL B 165 17.77 19.46 -7.73
CA VAL B 165 16.37 19.02 -7.79
C VAL B 165 15.86 18.99 -6.31
N VAL B 166 14.71 19.61 -6.03
CA VAL B 166 14.18 19.72 -4.68
C VAL B 166 13.06 18.70 -4.45
N ILE B 167 13.24 17.88 -3.43
CA ILE B 167 12.26 16.89 -2.96
C ILE B 167 11.75 17.39 -1.61
N LEU B 168 10.41 17.52 -1.47
CA LEU B 168 9.80 17.96 -0.23
C LEU B 168 8.96 16.85 0.34
N ASP B 169 9.25 16.45 1.60
CA ASP B 169 8.40 15.52 2.32
C ASP B 169 7.37 16.41 3.01
N ALA B 170 6.17 16.50 2.42
CA ALA B 170 5.10 17.29 3.01
C ALA B 170 4.01 16.36 3.55
N MET B 171 4.44 15.21 4.11
CA MET B 171 3.48 14.22 4.59
C MET B 171 2.45 14.80 5.52
N SER B 172 2.89 15.58 6.51
CA SER B 172 2.00 16.11 7.55
C SER B 172 1.63 17.56 7.36
N SER B 173 1.97 18.16 6.22
CA SER B 173 1.65 19.58 6.01
C SER B 173 0.73 19.82 4.84
N PHE B 174 0.91 19.09 3.72
CA PHE B 174 0.10 19.30 2.53
C PHE B 174 -1.39 19.14 2.82
N GLY B 175 -2.14 20.17 2.52
CA GLY B 175 -3.57 20.17 2.81
C GLY B 175 -3.94 20.90 4.07
N GLY B 176 -2.95 21.17 4.91
CA GLY B 176 -3.18 21.84 6.19
C GLY B 176 -2.39 23.11 6.33
N ILE B 177 -1.34 23.28 5.49
CA ILE B 177 -0.48 24.48 5.52
C ILE B 177 -0.41 25.00 4.11
N PRO B 178 -0.80 26.27 3.85
CA PRO B 178 -0.75 26.77 2.46
C PRO B 178 0.66 26.76 1.89
N ILE B 179 0.81 26.20 0.70
CA ILE B 179 2.07 26.22 -0.05
C ILE B 179 1.76 26.13 -1.51
N ASP B 180 2.53 26.82 -2.32
CA ASP B 180 2.40 26.73 -3.76
C ASP B 180 3.75 26.18 -4.15
N ILE B 181 3.78 24.88 -4.49
CA ILE B 181 5.04 24.17 -4.74
C ILE B 181 5.79 24.68 -5.98
N ALA B 182 5.09 25.30 -6.94
CA ALA B 182 5.73 25.87 -8.12
C ALA B 182 6.50 27.13 -7.72
N GLU B 183 5.87 27.98 -6.86
CA GLU B 183 6.48 29.23 -6.37
C GLU B 183 7.66 28.93 -5.48
N LEU B 184 7.57 27.83 -4.71
CA LEU B 184 8.64 27.39 -3.82
C LEU B 184 9.78 26.70 -4.53
N GLY B 185 9.56 26.30 -5.78
CA GLY B 185 10.58 25.62 -6.57
C GLY B 185 10.73 24.17 -6.16
N ILE B 186 9.66 23.54 -5.74
CA ILE B 186 9.69 22.13 -5.35
C ILE B 186 9.53 21.32 -6.63
N ASP B 187 10.43 20.35 -6.85
CA ASP B 187 10.34 19.48 -8.02
C ASP B 187 9.48 18.25 -7.75
N PHE B 188 9.53 17.73 -6.53
CA PHE B 188 8.73 16.57 -6.15
C PHE B 188 8.23 16.81 -4.75
N MET B 189 6.89 16.82 -4.56
CA MET B 189 6.31 16.98 -3.24
C MET B 189 5.60 15.70 -2.92
N ILE B 190 5.92 15.11 -1.77
CA ILE B 190 5.27 13.89 -1.34
C ILE B 190 4.29 14.21 -0.25
N SER B 191 3.11 13.57 -0.30
CA SER B 191 2.19 13.70 0.81
C SER B 191 1.34 12.45 0.91
N SER B 192 0.51 12.41 1.93
CA SER B 192 -0.26 11.27 2.41
C SER B 192 -1.75 11.40 2.12
N ALA B 193 -2.45 10.25 2.03
CA ALA B 193 -3.91 10.27 1.93
C ALA B 193 -4.53 10.60 3.30
N ASN B 194 -3.82 10.27 4.38
CA ASN B 194 -4.40 10.25 5.73
C ASN B 194 -3.93 11.28 6.73
N MET B 195 -3.43 12.47 6.30
CA MET B 195 -3.03 13.43 7.33
C MET B 195 -3.89 14.67 7.18
N CYS B 196 -3.37 15.81 6.73
CA CYS B 196 -4.21 17.03 6.61
C CYS B 196 -5.33 16.93 5.63
N ILE B 197 -5.25 16.04 4.64
CA ILE B 197 -6.35 15.91 3.68
C ILE B 197 -7.51 15.20 4.36
N GLN B 198 -7.17 14.35 5.31
CA GLN B 198 -8.12 13.64 6.20
C GLN B 198 -8.83 12.51 5.55
N GLY B 199 -8.11 11.85 4.67
CA GLY B 199 -8.61 10.62 4.10
C GLY B 199 -8.17 9.48 5.00
N VAL B 200 -8.25 8.28 4.50
CA VAL B 200 -7.81 7.09 5.25
C VAL B 200 -6.47 6.59 4.61
N PRO B 201 -5.64 5.85 5.35
CA PRO B 201 -4.39 5.35 4.78
C PRO B 201 -4.62 4.31 3.67
N GLY B 202 -3.61 4.10 2.85
CA GLY B 202 -3.67 3.12 1.76
C GLY B 202 -2.75 3.46 0.63
N PHE B 203 -2.54 4.76 0.42
CA PHE B 203 -1.67 5.21 -0.69
C PHE B 203 -1.12 6.57 -0.35
N GLY B 204 -0.04 6.93 -1.01
CA GLY B 204 0.55 8.24 -0.93
C GLY B 204 0.56 8.82 -2.34
N PHE B 205 1.09 10.02 -2.48
CA PHE B 205 1.13 10.60 -3.81
C PHE B 205 2.26 11.55 -3.91
N VAL B 206 2.66 11.81 -5.14
CA VAL B 206 3.74 12.71 -5.46
C VAL B 206 3.21 13.71 -6.44
N ILE B 207 3.42 15.01 -6.15
CA ILE B 207 3.04 16.09 -7.07
C ILE B 207 4.37 16.61 -7.56
N ALA B 208 4.64 16.47 -8.84
CA ALA B 208 5.93 16.77 -9.42
C ALA B 208 5.86 17.69 -10.61
N LYS B 209 6.96 18.39 -10.83
CA LYS B 209 7.13 19.25 -12.00
C LYS B 209 7.28 18.24 -13.15
N LYS B 210 6.38 18.29 -14.15
CA LYS B 210 6.32 17.34 -15.26
C LYS B 210 7.69 17.09 -15.92
N THR B 211 8.45 18.16 -16.21
CA THR B 211 9.77 18.02 -16.84
C THR B 211 10.76 17.25 -15.92
N GLU B 212 10.58 17.35 -14.62
CA GLU B 212 11.43 16.65 -13.66
C GLU B 212 11.00 15.19 -13.55
N LEU B 213 9.68 14.96 -13.52
CA LEU B 213 9.17 13.59 -13.47
C LEU B 213 9.59 12.81 -14.72
N GLU B 214 9.61 13.47 -15.88
CA GLU B 214 10.03 12.83 -17.13
C GLU B 214 11.46 12.24 -17.09
N LYS B 215 12.34 12.87 -16.31
CA LYS B 215 13.73 12.41 -16.16
C LYS B 215 13.80 11.10 -15.39
N CYS B 216 12.72 10.73 -14.68
CA CYS B 216 12.66 9.52 -13.91
C CYS B 216 12.55 8.26 -14.77
N GLN B 217 12.12 8.41 -16.03
CA GLN B 217 11.95 7.25 -16.90
C GLN B 217 13.19 6.37 -16.96
N GLY B 218 13.02 5.07 -16.70
CA GLY B 218 14.10 4.08 -16.78
C GLY B 218 15.12 4.12 -15.67
N GLN B 219 14.96 5.01 -14.67
CA GLN B 219 15.93 5.15 -13.57
C GLN B 219 15.53 4.40 -12.32
N ALA B 220 14.30 3.89 -12.26
CA ALA B 220 13.81 3.31 -11.02
C ALA B 220 14.59 2.15 -10.50
N ARG B 221 14.60 1.98 -9.18
CA ARG B 221 15.32 0.91 -8.50
C ARG B 221 14.35 -0.16 -8.02
N SER B 222 13.05 0.06 -8.28
CA SER B 222 11.98 -0.83 -7.87
C SER B 222 10.88 -0.83 -8.90
N LEU B 223 10.26 -1.99 -9.16
CA LEU B 223 9.14 -2.04 -10.10
C LEU B 223 7.92 -1.42 -9.41
N SER B 224 7.57 -1.90 -8.20
CA SER B 224 6.42 -1.37 -7.43
C SER B 224 6.52 0.14 -7.28
N LEU B 225 7.73 0.65 -7.06
CA LEU B 225 7.99 2.06 -6.77
C LEU B 225 8.60 2.82 -7.93
N ASP B 226 8.34 2.37 -9.16
CA ASP B 226 8.81 3.04 -10.36
C ASP B 226 7.86 4.20 -10.59
N LEU B 227 8.31 5.42 -10.19
CA LEU B 227 7.44 6.59 -10.23
C LEU B 227 7.02 6.97 -11.64
N TYR B 228 7.99 7.01 -12.59
CA TYR B 228 7.62 7.40 -13.93
C TYR B 228 6.68 6.35 -14.57
N ASP B 229 6.96 5.06 -14.36
CA ASP B 229 6.14 3.98 -14.94
C ASP B 229 4.70 4.05 -14.42
N GLN B 230 4.56 4.29 -13.11
CA GLN B 230 3.26 4.42 -12.48
C GLN B 230 2.53 5.60 -13.11
N TRP B 231 3.23 6.73 -13.22
CA TRP B 231 2.66 7.95 -13.78
C TRP B 231 2.26 7.77 -15.23
N HIS B 232 3.16 7.19 -16.04
CA HIS B 232 2.93 6.96 -17.49
C HIS B 232 1.66 6.16 -17.71
N CYS B 233 1.47 5.09 -16.93
CA CYS B 233 0.27 4.27 -17.02
C CYS B 233 -0.98 5.10 -16.68
N MET B 234 -0.93 5.94 -15.63
CA MET B 234 -2.09 6.78 -15.31
C MET B 234 -2.36 7.79 -16.39
N GLU B 235 -1.30 8.29 -17.02
CA GLU B 235 -1.40 9.27 -18.10
C GLU B 235 -2.03 8.71 -19.36
N VAL B 236 -1.54 7.57 -19.84
CA VAL B 236 -2.02 6.98 -21.12
C VAL B 236 -3.24 6.06 -20.95
N ASN B 237 -3.45 5.55 -19.73
CA ASN B 237 -4.58 4.68 -19.48
C ASN B 237 -5.61 5.32 -18.57
N HIS B 238 -5.71 6.65 -18.60
CA HIS B 238 -6.73 7.44 -17.91
C HIS B 238 -6.99 7.05 -16.45
N GLY B 239 -5.94 7.12 -15.63
CA GLY B 239 -6.07 6.85 -14.20
C GLY B 239 -5.68 5.46 -13.75
N LYS B 240 -5.53 4.54 -14.71
CA LYS B 240 -5.20 3.15 -14.41
C LYS B 240 -3.92 3.00 -13.55
N TRP B 241 -4.04 2.29 -12.42
CA TRP B 241 -2.85 2.03 -11.63
C TRP B 241 -2.30 0.74 -12.21
N ARG B 242 -0.99 0.64 -12.41
CA ARG B 242 -0.40 -0.56 -13.00
C ARG B 242 -0.83 -1.83 -12.30
N PHE B 243 -0.84 -1.81 -10.94
CA PHE B 243 -1.18 -2.94 -10.09
C PHE B 243 -2.36 -2.55 -9.24
N THR B 244 -3.02 -3.51 -8.59
CA THR B 244 -4.18 -3.25 -7.76
C THR B 244 -3.94 -2.09 -6.81
N SER B 245 -4.92 -1.18 -6.76
CA SER B 245 -4.90 -0.03 -5.88
C SER B 245 -5.89 -0.23 -4.75
N PRO B 246 -5.76 0.51 -3.65
CA PRO B 246 -6.72 0.33 -2.55
C PRO B 246 -7.98 1.15 -2.84
N THR B 247 -8.82 0.63 -3.72
CA THR B 247 -10.02 1.27 -4.29
C THR B 247 -10.86 2.04 -3.27
N HIS B 248 -11.28 1.35 -2.21
CA HIS B 248 -12.10 1.95 -1.14
C HIS B 248 -11.42 3.15 -0.53
N THR B 249 -10.09 3.07 -0.30
CA THR B 249 -9.37 4.18 0.33
C THR B 249 -9.21 5.35 -0.64
N VAL B 250 -9.14 5.04 -1.93
CA VAL B 250 -9.05 6.05 -2.98
C VAL B 250 -10.41 6.77 -3.07
N ARG B 251 -11.48 6.02 -3.02
CA ARG B 251 -12.82 6.64 -3.05
C ARG B 251 -13.06 7.49 -1.75
N ALA B 252 -12.51 7.04 -0.60
CA ALA B 252 -12.59 7.81 0.66
C ALA B 252 -11.80 9.12 0.47
N PHE B 253 -10.68 9.05 -0.23
CA PHE B 253 -9.84 10.23 -0.49
C PHE B 253 -10.56 11.24 -1.35
N TYR B 254 -11.26 10.77 -2.38
CA TYR B 254 -12.09 11.58 -3.25
C TYR B 254 -13.11 12.35 -2.37
N GLN B 255 -13.71 11.67 -1.39
CA GLN B 255 -14.64 12.27 -0.44
C GLN B 255 -13.94 13.30 0.46
N ALA B 256 -12.73 12.97 0.92
CA ALA B 256 -11.96 13.89 1.75
C ALA B 256 -11.63 15.18 0.98
N LEU B 257 -11.35 15.08 -0.35
CA LEU B 257 -11.07 16.27 -1.17
C LEU B 257 -12.31 17.15 -1.27
N LEU B 258 -13.51 16.55 -1.39
CA LEU B 258 -14.79 17.31 -1.46
C LEU B 258 -15.01 18.06 -0.14
N GLU B 259 -14.73 17.40 0.98
CA GLU B 259 -14.96 18.03 2.29
C GLU B 259 -13.97 19.16 2.57
N LEU B 260 -12.73 19.05 2.02
CA LEU B 260 -11.75 20.14 2.13
C LEU B 260 -12.25 21.34 1.29
N GLU B 261 -12.79 21.11 0.06
CA GLU B 261 -13.35 22.20 -0.74
C GLU B 261 -14.50 22.86 0.02
N GLN B 262 -15.39 22.02 0.63
CA GLN B 262 -16.55 22.50 1.38
C GLN B 262 -16.16 23.31 2.62
N GLU B 263 -15.02 22.98 3.22
CA GLU B 263 -14.53 23.71 4.39
C GLU B 263 -14.04 25.11 3.99
N GLY B 264 -13.62 25.29 2.74
CA GLY B 264 -13.10 26.55 2.23
C GLY B 264 -11.66 26.41 1.77
N GLY B 265 -11.23 25.17 1.57
CA GLY B 265 -9.90 24.89 1.06
C GLY B 265 -8.81 24.92 2.11
N ILE B 266 -7.56 24.84 1.65
CA ILE B 266 -6.39 24.77 2.53
C ILE B 266 -6.29 25.99 3.47
N GLU B 267 -6.69 27.20 3.00
CA GLU B 267 -6.67 28.40 3.85
C GLU B 267 -7.57 28.26 5.07
N ALA B 268 -8.81 27.75 4.87
CA ALA B 268 -9.77 27.53 5.96
C ALA B 268 -9.29 26.40 6.85
N ARG B 269 -8.81 25.31 6.27
CA ARG B 269 -8.34 24.19 7.10
C ARG B 269 -7.15 24.61 7.96
N HIS B 270 -6.23 25.36 7.36
CA HIS B 270 -5.07 25.87 8.08
C HIS B 270 -5.51 26.73 9.26
N ASN B 271 -6.52 27.62 9.06
CA ASN B 271 -7.04 28.47 10.12
C ASN B 271 -7.61 27.67 11.25
N ARG B 272 -8.35 26.59 10.96
CA ARG B 272 -8.90 25.69 11.99
C ARG B 272 -7.76 25.03 12.74
N TYR B 273 -6.78 24.46 12.00
CA TYR B 273 -5.63 23.78 12.59
C TYR B 273 -4.81 24.69 13.50
N GLN B 274 -4.42 25.84 13.00
CA GLN B 274 -3.71 26.89 13.75
C GLN B 274 -4.46 27.29 15.04
N THR B 275 -5.81 27.49 14.99
CA THR B 275 -6.62 27.83 16.17
C THR B 275 -6.64 26.66 17.14
N ASN B 276 -6.80 25.42 16.64
CA ASN B 276 -6.78 24.24 17.48
C ASN B 276 -5.46 24.15 18.23
N GLN B 277 -4.33 24.29 17.49
CA GLN B 277 -2.98 24.12 18.07
C GLN B 277 -2.68 25.18 19.13
N LYS B 278 -3.02 26.45 18.84
CA LYS B 278 -2.78 27.52 19.78
C LYS B 278 -3.67 27.40 21.01
N THR B 279 -4.93 26.96 20.81
CA THR B 279 -5.87 26.78 21.93
C THR B 279 -5.36 25.65 22.82
N LEU B 280 -4.92 24.55 22.20
CA LEU B 280 -4.35 23.39 22.88
C LEU B 280 -3.13 23.79 23.71
N VAL B 281 -2.17 24.51 23.12
CA VAL B 281 -0.97 24.96 23.84
C VAL B 281 -1.33 25.82 25.06
N ALA B 282 -2.30 26.77 24.91
CA ALA B 282 -2.70 27.63 26.02
C ALA B 282 -3.36 26.78 27.11
N GLY B 283 -4.18 25.82 26.70
CA GLY B 283 -4.90 24.93 27.61
C GLY B 283 -3.92 24.05 28.38
N MET B 284 -2.90 23.56 27.67
CA MET B 284 -1.89 22.70 28.28
C MET B 284 -1.05 23.49 29.27
N ARG B 285 -0.69 24.75 28.92
CA ARG B 285 0.08 25.58 29.84
C ARG B 285 -0.71 25.87 31.10
N SER B 286 -2.05 26.03 30.97
CA SER B 286 -2.92 26.31 32.14
C SER B 286 -2.94 25.14 33.11
N LEU B 287 -2.56 23.93 32.61
CA LEU B 287 -2.49 22.75 33.45
C LEU B 287 -1.07 22.46 33.91
N GLY B 288 -0.10 23.27 33.49
CA GLY B 288 1.28 23.10 33.92
C GLY B 288 2.17 22.35 32.96
N PHE B 289 1.64 22.03 31.78
CA PHE B 289 2.41 21.33 30.75
C PHE B 289 3.26 22.29 29.97
N GLU B 290 4.48 21.88 29.60
CA GLU B 290 5.35 22.77 28.83
C GLU B 290 5.57 22.20 27.43
N PRO B 291 5.44 23.00 26.34
CA PRO B 291 5.74 22.46 25.01
C PRO B 291 7.23 22.17 24.96
N LEU B 292 7.61 21.14 24.23
CA LEU B 292 9.00 20.80 24.06
C LEU B 292 9.71 21.90 23.26
N LEU B 293 9.07 22.46 22.23
CA LEU B 293 9.68 23.49 21.39
C LEU B 293 9.21 24.85 21.77
N SER B 294 10.02 25.89 21.47
CA SER B 294 9.59 27.26 21.67
C SER B 294 8.46 27.53 20.66
N ASP B 295 7.48 28.38 21.04
CA ASP B 295 6.29 28.64 20.23
C ASP B 295 6.56 29.03 18.80
N ASP B 296 7.66 29.74 18.53
CA ASP B 296 7.99 30.18 17.17
C ASP B 296 8.28 28.98 16.21
N LEU B 297 8.58 27.78 16.74
CA LEU B 297 8.92 26.59 15.92
C LEU B 297 7.74 25.66 15.73
N HIS B 298 6.60 25.97 16.39
CA HIS B 298 5.43 25.13 16.31
C HIS B 298 4.79 25.06 14.93
N SER B 299 4.35 23.87 14.54
CA SER B 299 3.55 23.74 13.36
C SER B 299 2.11 23.80 13.87
N PRO B 300 1.12 23.99 12.99
CA PRO B 300 -0.26 23.97 13.45
C PRO B 300 -0.84 22.55 13.40
N ILE B 301 0.01 21.50 13.40
CA ILE B 301 -0.42 20.10 13.16
C ILE B 301 -0.42 19.20 14.38
N ILE B 302 0.73 19.12 15.03
CA ILE B 302 0.95 18.27 16.17
C ILE B 302 1.94 18.97 17.11
N THR B 303 1.79 18.78 18.41
CA THR B 303 2.68 19.45 19.37
C THR B 303 3.23 18.45 20.33
N SER B 304 4.53 18.58 20.65
CA SER B 304 5.22 17.75 21.64
C SER B 304 5.23 18.54 22.93
N PHE B 305 4.96 17.84 24.02
CA PHE B 305 4.96 18.43 25.36
C PHE B 305 5.89 17.63 26.22
N TYR B 306 6.61 18.28 27.16
CA TYR B 306 7.46 17.52 28.07
C TYR B 306 6.56 16.69 28.96
N SER B 307 7.05 15.51 29.31
CA SER B 307 6.32 14.65 30.22
C SER B 307 6.40 15.32 31.59
N PRO B 308 5.31 15.31 32.38
CA PRO B 308 5.39 15.84 33.76
C PRO B 308 6.54 15.19 34.55
N THR B 309 7.22 15.96 35.40
CA THR B 309 8.37 15.40 36.13
C THR B 309 7.98 14.77 37.47
N HIS B 310 6.66 14.59 37.73
CA HIS B 310 6.15 13.98 38.96
C HIS B 310 6.56 12.53 38.97
N SER B 311 7.07 12.02 40.13
CA SER B 311 7.54 10.62 40.24
C SER B 311 6.48 9.58 39.89
N ASP B 312 5.18 9.91 40.05
CA ASP B 312 4.09 8.97 39.75
C ASP B 312 3.64 9.02 38.29
N TYR B 313 4.10 10.01 37.51
CA TYR B 313 3.72 10.09 36.11
C TYR B 313 4.28 8.91 35.28
N GLN B 314 3.38 8.28 34.49
CA GLN B 314 3.68 7.20 33.55
C GLN B 314 2.85 7.45 32.28
N PHE B 315 3.50 7.51 31.11
CA PHE B 315 2.76 7.75 29.87
C PHE B 315 1.63 6.75 29.71
N LYS B 316 1.90 5.45 29.91
CA LYS B 316 0.88 4.42 29.73
C LYS B 316 -0.36 4.70 30.59
N ALA B 317 -0.18 5.04 31.89
CA ALA B 317 -1.31 5.31 32.78
C ALA B 317 -2.08 6.56 32.37
N PHE B 318 -1.36 7.62 31.94
CA PHE B 318 -1.95 8.90 31.47
C PHE B 318 -2.77 8.66 30.17
N TYR B 319 -2.14 7.95 29.23
CA TYR B 319 -2.71 7.55 27.93
C TYR B 319 -4.01 6.77 28.14
N THR B 320 -4.01 5.77 29.05
CA THR B 320 -5.17 4.94 29.38
C THR B 320 -6.29 5.76 29.95
N ARG B 321 -5.97 6.66 30.89
CA ARG B 321 -7.00 7.50 31.51
C ARG B 321 -7.63 8.41 30.50
N LEU B 322 -6.85 8.89 29.52
CA LEU B 322 -7.38 9.78 28.50
C LEU B 322 -8.25 8.96 27.52
N LYS B 323 -7.82 7.74 27.18
CA LYS B 323 -8.60 6.84 26.32
C LYS B 323 -9.96 6.57 26.94
N GLU B 324 -10.00 6.37 28.29
CA GLU B 324 -11.24 6.17 29.05
C GLU B 324 -12.20 7.36 28.93
N GLN B 325 -11.66 8.55 28.62
CA GLN B 325 -12.45 9.76 28.43
C GLN B 325 -12.73 10.09 26.97
N GLY B 326 -12.30 9.21 26.07
CA GLY B 326 -12.58 9.33 24.64
C GLY B 326 -11.51 10.00 23.81
N PHE B 327 -10.26 10.11 24.32
CA PHE B 327 -9.18 10.78 23.59
C PHE B 327 -7.95 9.90 23.49
N VAL B 328 -7.39 9.81 22.28
CA VAL B 328 -6.17 9.03 22.03
C VAL B 328 -5.08 10.01 21.74
N ILE B 329 -4.07 10.06 22.61
CA ILE B 329 -2.94 10.98 22.39
C ILE B 329 -1.80 10.19 21.81
N TYR B 330 -0.59 10.78 21.71
CA TYR B 330 0.43 10.10 20.92
C TYR B 330 1.77 10.01 21.61
N PRO B 331 2.54 8.93 21.38
CA PRO B 331 3.84 8.83 22.05
C PRO B 331 4.79 9.92 21.58
N GLY B 332 5.73 10.26 22.45
CA GLY B 332 6.82 11.14 22.06
C GLY B 332 7.72 10.37 21.09
N LYS B 333 8.51 11.07 20.30
CA LYS B 333 9.37 10.43 19.31
C LYS B 333 10.77 11.02 19.38
N VAL B 334 11.11 11.64 20.50
CA VAL B 334 12.39 12.31 20.66
C VAL B 334 13.19 11.41 21.57
N SER B 335 14.31 10.89 21.10
CA SER B 335 15.06 9.89 21.87
C SER B 335 15.68 10.39 23.14
N ASN B 336 16.06 11.67 23.19
CA ASN B 336 16.73 12.30 24.34
C ASN B 336 15.84 13.19 25.23
N ALA B 337 14.52 13.10 25.07
CA ALA B 337 13.58 13.91 25.83
C ALA B 337 12.45 13.02 26.22
N ASP B 338 11.91 13.22 27.41
CA ASP B 338 10.75 12.45 27.86
C ASP B 338 9.57 13.33 27.48
N CYS B 339 8.82 12.94 26.45
CA CYS B 339 7.75 13.80 25.93
C CYS B 339 6.62 12.97 25.37
N PHE B 340 5.53 13.63 25.04
CA PHE B 340 4.37 13.02 24.38
C PHE B 340 3.87 14.01 23.36
N ARG B 341 2.97 13.56 22.47
CA ARG B 341 2.43 14.44 21.45
C ARG B 341 0.92 14.45 21.46
N ILE B 342 0.36 15.53 20.96
CA ILE B 342 -1.06 15.68 20.77
C ILE B 342 -1.23 16.35 19.40
N GLY B 343 -1.87 15.65 18.48
CA GLY B 343 -2.21 16.16 17.17
C GLY B 343 -3.51 16.96 17.30
N ASN B 344 -3.79 17.84 16.34
CA ASN B 344 -5.05 18.60 16.42
C ASN B 344 -5.72 18.67 15.03
N ILE B 345 -5.49 17.61 14.27
CA ILE B 345 -5.99 17.52 12.89
C ILE B 345 -7.01 16.40 12.77
N GLY B 346 -7.65 16.33 11.63
CA GLY B 346 -8.75 15.39 11.46
C GLY B 346 -10.00 16.08 11.94
N GLU B 347 -10.94 15.29 12.47
CA GLU B 347 -12.22 15.81 12.98
C GLU B 347 -12.04 16.42 14.35
N VAL B 348 -11.20 17.44 14.44
CA VAL B 348 -10.88 18.12 15.67
C VAL B 348 -11.24 19.56 15.46
N TYR B 349 -12.10 20.04 16.33
CA TYR B 349 -12.62 21.41 16.29
C TYR B 349 -12.38 22.08 17.65
N PRO B 350 -12.51 23.43 17.74
CA PRO B 350 -12.32 24.10 19.03
C PRO B 350 -13.05 23.46 20.21
N ALA B 351 -14.30 23.00 20.03
CA ALA B 351 -15.08 22.35 21.10
C ALA B 351 -14.41 21.08 21.61
N ASP B 352 -13.73 20.34 20.71
CA ASP B 352 -12.97 19.12 21.04
C ASP B 352 -11.75 19.43 21.87
N ILE B 353 -11.07 20.53 21.54
CA ILE B 353 -9.86 20.96 22.27
C ILE B 353 -10.26 21.34 23.70
N GLU B 354 -11.41 22.00 23.84
CA GLU B 354 -11.92 22.41 25.14
C GLU B 354 -12.24 21.17 26.00
N ARG B 355 -12.91 20.15 25.40
CA ARG B 355 -13.24 18.90 26.10
C ARG B 355 -11.96 18.17 26.43
N LEU B 356 -10.97 18.20 25.51
CA LEU B 356 -9.68 17.56 25.71
C LEU B 356 -8.95 18.12 26.94
N ILE B 357 -8.86 19.46 27.06
CA ILE B 357 -8.22 20.13 28.19
C ILE B 357 -8.87 19.68 29.50
N GLY B 358 -10.19 19.54 29.50
CA GLY B 358 -10.92 19.07 30.68
C GLY B 358 -10.56 17.62 30.99
N ALA B 359 -10.46 16.79 29.92
CA ALA B 359 -10.12 15.37 30.04
C ALA B 359 -8.67 15.16 30.51
N ILE B 360 -7.73 15.97 30.02
CA ILE B 360 -6.33 15.90 30.44
C ILE B 360 -6.29 16.22 31.97
N GLU B 361 -7.01 17.26 32.42
CA GLU B 361 -7.05 17.56 33.85
C GLU B 361 -7.57 16.37 34.67
N LYS B 362 -8.61 15.66 34.18
CA LYS B 362 -9.18 14.50 34.87
C LYS B 362 -8.25 13.28 34.82
N ALA B 363 -7.31 13.27 33.85
CA ALA B 363 -6.34 12.19 33.68
C ALA B 363 -5.03 12.47 34.45
N MET B 364 -4.90 13.65 35.07
CA MET B 364 -3.71 14.01 35.88
C MET B 364 -3.81 13.41 37.28
N TYR B 365 -3.79 12.08 37.34
CA TYR B 365 -3.93 11.26 38.56
C TYR B 365 -2.88 11.56 39.64
N TRP B 366 -1.70 12.07 39.21
CA TRP B 366 -0.59 12.43 40.09
C TRP B 366 -0.82 13.79 40.78
N GLN B 367 -1.97 14.46 40.48
CA GLN B 367 -2.37 15.76 41.05
C GLN B 367 -3.82 15.71 41.60
N VAL B 368 -4.11 16.27 42.80
CA VAL B 368 -5.47 16.17 43.42
C VAL B 368 -6.64 16.58 42.47
#